data_9R0B
#
_entry.id   9R0B
#
_cell.length_a   46.460
_cell.length_b   146.424
_cell.length_c   182.234
_cell.angle_alpha   90.000
_cell.angle_beta   90.000
_cell.angle_gamma   90.000
#
_symmetry.space_group_name_H-M   'P 21 21 21'
#
loop_
_entity.id
_entity.type
_entity.pdbx_description
1 polymer 'Virion membrane protein OPG143'
2 polymer 'Entry-fusion complex protein OPG094'
3 polymer 'VHH D07'
4 non-polymer '2-(N-MORPHOLINO)-ETHANESULFONIC ACID'
5 non-polymer GLYCEROL
6 water water
#
loop_
_entity_poly.entity_id
_entity_poly.type
_entity_poly.pdbx_seq_one_letter_code
_entity_poly.pdbx_strand_id
1 'polypeptide(L)'
;MKLCILLAVVAFVGLSLGRSAAAVTLNRIKIAPGIADIRDKYMELGFNYPEYNRAVKFAEESYTYYYETSPGEIKPKFCL
IDGMSIDHCSSFIVPEFAKQYVLIHGEPCSSFKFRPGSLIYYQNEVTPEYIKDLKHATDYIASGQRCHFIKKDYLLGDSD
SVAKCCSKTNTKHCPKIFNNNYKTEHCDDFMTGFCRNDPGNPNCLEWLRAKRKPAMSTYSDICSKHMDARYCSEFIRIIR
PDYFTFGDTALYVFCNDHKGNRNCWCANYPKSNSGDKYLGPRVCWLHECTDESRDRKWLYYNQDVQRTRCKYVGGSGLVP
RGSGGSGGSHHHHHHHHGGSGTGGLNDIFEAQKIEWHE
;
A
2 'polypeptide(L)'
;MKLCILLAVVAFVGLSLGAGGVSVELPKRDPPPGVPTDEMLLNVDKMHDVIAPAKLLEYVHIGPLAKDKEDKVKKRYPEF
RLVNTGPGGLSALLRQSYAGTAPNCCRTFQRTHYWKKDGKISDKYEEGAVLESCWPDVHDTGKCDVDLFDWCQGDTFDRN
ICHQWIGSAFNRADRTVEGQQSLINLYNKMQTLCSKDASVPICESFLHHLRAHNTEDSKEMIDYILRQQSADFKQKYMRC
SYPTRDKLEESLKYAEPRECWDPECSNANVNFLLTRNYNNLGLCNIVRGSGLVPRGSLEDDDDKAGWSHPQFEKGGGSGG
GSGGGSWSHPQFEK
;
B
3 'polypeptide(L)'
;MGEVQLQASGGGLVQPGGSLRLSCAASGIVFSNNRMSWYRQAPGKQREVVATITSGGATDYQDSVEGRFTISRDMAKNTV
YLQMNSLKPEDTAVYFCNARRDNFATAIYWGQGTQVTVSSLEHHHHHHHHGSGLVPRGSGLNDIFEAQKIEWHE
;
J000
#
loop_
_chem_comp.id
_chem_comp.type
_chem_comp.name
_chem_comp.formula
GOL non-polymer GLYCEROL 'C3 H8 O3'
MES non-polymer '2-(N-MORPHOLINO)-ETHANESULFONIC ACID' 'C6 H13 N O4 S'
#
# COMPACT_ATOMS: atom_id res chain seq x y z
N VAL A 24 27.55 -2.21 -66.93
CA VAL A 24 27.22 -2.55 -68.31
C VAL A 24 26.54 -1.38 -69.01
N THR A 25 26.35 -1.50 -70.32
CA THR A 25 25.81 -0.40 -71.13
C THR A 25 24.29 -0.52 -71.21
N LEU A 26 23.60 0.54 -70.80
CA LEU A 26 22.15 0.63 -70.94
C LEU A 26 21.82 1.34 -72.26
N ASN A 27 20.83 0.79 -72.98
CA ASN A 27 20.43 1.36 -74.26
C ASN A 27 18.94 1.59 -74.40
N ARG A 28 18.11 1.05 -73.49
CA ARG A 28 16.66 1.12 -73.65
C ARG A 28 15.99 1.06 -72.28
N ILE A 29 15.05 1.97 -72.05
CA ILE A 29 14.32 2.03 -70.79
C ILE A 29 12.87 2.38 -71.10
N LYS A 30 11.96 1.82 -70.30
CA LYS A 30 10.54 2.04 -70.55
C LYS A 30 9.73 1.62 -69.34
N ILE A 31 8.72 2.40 -68.99
CA ILE A 31 7.77 2.04 -67.96
C ILE A 31 6.62 1.29 -68.62
N ALA A 32 6.51 0.00 -68.36
CA ALA A 32 5.30 -0.68 -68.80
C ALA A 32 4.30 -0.77 -67.67
N PRO A 33 3.02 -0.49 -67.92
CA PRO A 33 2.04 -0.47 -66.83
C PRO A 33 1.80 -1.86 -66.26
N GLY A 34 1.17 -1.89 -65.08
CA GLY A 34 0.86 -3.13 -64.41
C GLY A 34 -0.41 -3.78 -64.93
N ILE A 35 -0.71 -4.94 -64.35
CA ILE A 35 -1.86 -5.72 -64.81
C ILE A 35 -3.14 -5.22 -64.13
N ALA A 36 -3.22 -5.32 -62.81
CA ALA A 36 -4.42 -4.99 -62.06
C ALA A 36 -4.21 -3.92 -61.00
N ASP A 37 -3.07 -3.93 -60.31
CA ASP A 37 -2.76 -2.94 -59.30
C ASP A 37 -1.92 -1.84 -59.94
N ILE A 38 -2.48 -0.61 -59.97
CA ILE A 38 -1.82 0.50 -60.65
C ILE A 38 -0.46 0.79 -60.03
N ARG A 39 -0.32 0.57 -58.72
CA ARG A 39 0.95 0.84 -58.05
C ARG A 39 2.09 -0.03 -58.58
N ASP A 40 1.76 -1.17 -59.17
CA ASP A 40 2.77 -2.06 -59.76
C ASP A 40 3.02 -1.65 -61.21
N LYS A 41 4.30 -1.52 -61.57
CA LYS A 41 4.71 -1.22 -62.93
C LYS A 41 5.95 -2.04 -63.25
N TYR A 42 6.32 -2.06 -64.52
CA TYR A 42 7.44 -2.86 -65.01
C TYR A 42 8.54 -1.96 -65.57
N MET A 43 9.78 -2.35 -65.30
CA MET A 43 10.95 -1.62 -65.75
C MET A 43 11.61 -2.43 -66.86
N GLU A 44 11.32 -2.06 -68.11
CA GLU A 44 11.91 -2.73 -69.27
C GLU A 44 13.33 -2.23 -69.46
N LEU A 45 14.31 -3.10 -69.23
CA LEU A 45 15.71 -2.74 -69.25
C LEU A 45 16.40 -3.40 -70.43
N GLY A 46 17.10 -2.59 -71.22
CA GLY A 46 17.88 -3.10 -72.35
C GLY A 46 19.36 -2.83 -72.13
N PHE A 47 20.18 -3.83 -72.43
CA PHE A 47 21.63 -3.74 -72.25
C PHE A 47 22.34 -4.34 -73.45
N ASN A 48 23.67 -4.16 -73.47
CA ASN A 48 24.49 -4.79 -74.49
C ASN A 48 24.37 -6.30 -74.44
N TYR A 49 24.67 -6.88 -73.29
CA TYR A 49 24.47 -8.30 -73.07
C TYR A 49 23.01 -8.57 -72.76
N PRO A 50 22.31 -9.38 -73.55
CA PRO A 50 20.89 -9.67 -73.23
C PRO A 50 20.70 -10.37 -71.91
N GLU A 51 21.76 -10.90 -71.30
CA GLU A 51 21.66 -11.51 -69.98
C GLU A 51 21.39 -10.47 -68.89
N TYR A 52 21.65 -9.19 -69.16
CA TYR A 52 21.27 -8.13 -68.24
C TYR A 52 19.90 -7.54 -68.58
N ASN A 53 19.39 -7.78 -69.78
CA ASN A 53 18.04 -7.35 -70.12
C ASN A 53 17.03 -8.04 -69.23
N ARG A 54 16.10 -7.26 -68.67
CA ARG A 54 15.09 -7.81 -67.79
C ARG A 54 13.95 -6.81 -67.65
N ALA A 55 12.80 -7.32 -67.23
CA ALA A 55 11.61 -6.51 -66.95
C ALA A 55 11.36 -6.62 -65.45
N VAL A 56 11.96 -5.71 -64.68
CA VAL A 56 11.88 -5.77 -63.22
C VAL A 56 10.57 -5.15 -62.76
N LYS A 57 9.75 -5.94 -62.08
CA LYS A 57 8.50 -5.45 -61.53
C LYS A 57 8.77 -4.64 -60.26
N PHE A 58 8.27 -3.41 -60.23
CA PHE A 58 8.46 -2.51 -59.10
C PHE A 58 7.15 -1.86 -58.72
N ALA A 59 7.07 -1.42 -57.46
CA ALA A 59 5.90 -0.73 -56.94
C ALA A 59 6.28 0.66 -56.43
N GLU A 60 5.28 1.53 -56.38
CA GLU A 60 5.47 2.90 -55.91
C GLU A 60 4.18 3.37 -55.26
N GLU A 61 4.32 3.96 -54.06
CA GLU A 61 3.22 4.57 -53.33
C GLU A 61 2.22 3.52 -52.87
N SER A 62 1.39 3.85 -51.89
CA SER A 62 0.45 2.88 -51.34
C SER A 62 -0.71 3.60 -50.68
N TYR A 63 -1.34 4.51 -51.44
CA TYR A 63 -2.44 5.34 -50.96
C TYR A 63 -2.02 6.08 -49.69
N THR A 64 -3.00 6.49 -48.88
CA THR A 64 -2.75 7.02 -47.55
C THR A 64 -3.49 6.13 -46.56
N TYR A 65 -2.73 5.38 -45.77
CA TYR A 65 -3.31 4.36 -44.90
C TYR A 65 -3.97 4.98 -43.68
N TYR A 66 -5.25 4.64 -43.47
CA TYR A 66 -5.90 4.81 -42.18
C TYR A 66 -6.40 3.46 -41.67
N TYR A 67 -5.73 2.39 -42.11
CA TYR A 67 -6.06 1.03 -41.74
C TYR A 67 -4.76 0.23 -41.73
N GLU A 68 -4.85 -1.01 -41.25
CA GLU A 68 -3.70 -1.88 -41.15
C GLU A 68 -3.68 -2.88 -42.30
N THR A 69 -2.48 -3.18 -42.79
CA THR A 69 -2.31 -4.16 -43.86
C THR A 69 -2.17 -5.57 -43.32
N SER A 70 -1.52 -5.73 -42.18
CA SER A 70 -1.46 -6.97 -41.43
C SER A 70 -2.03 -6.71 -40.03
N PRO A 71 -2.37 -7.76 -39.28
CA PRO A 71 -2.79 -7.53 -37.88
C PRO A 71 -1.74 -6.78 -37.08
N GLY A 72 -2.06 -5.54 -36.71
CA GLY A 72 -1.13 -4.70 -35.98
C GLY A 72 0.06 -4.21 -36.80
N GLU A 73 -0.12 -4.01 -38.10
CA GLU A 73 1.00 -3.67 -38.96
C GLU A 73 0.55 -2.76 -40.09
N ILE A 74 1.47 -1.95 -40.59
CA ILE A 74 1.31 -1.18 -41.81
C ILE A 74 2.63 -1.24 -42.56
N LYS A 75 2.65 -1.89 -43.73
CA LYS A 75 3.85 -2.01 -44.54
C LYS A 75 3.60 -1.39 -45.91
N PRO A 76 3.81 -0.07 -46.05
CA PRO A 76 3.65 0.55 -47.36
C PRO A 76 4.67 0.02 -48.36
N LYS A 77 4.25 -0.05 -49.62
CA LYS A 77 5.10 -0.49 -50.73
C LYS A 77 6.09 0.63 -51.04
N PHE A 78 7.17 0.66 -50.27
CA PHE A 78 8.17 1.71 -50.33
C PHE A 78 9.45 1.16 -49.73
N CYS A 79 10.57 1.39 -50.40
CA CYS A 79 11.87 0.90 -49.96
C CYS A 79 12.68 2.10 -49.46
N LEU A 80 12.81 2.19 -48.13
CA LEU A 80 13.60 3.25 -47.51
C LEU A 80 15.08 2.99 -47.80
N ILE A 81 15.60 3.65 -48.83
CA ILE A 81 17.02 3.51 -49.18
C ILE A 81 17.86 4.05 -48.04
N ASP A 82 18.96 3.35 -47.74
CA ASP A 82 19.88 3.78 -46.69
C ASP A 82 20.41 5.17 -47.01
N GLY A 83 20.06 6.13 -46.16
CA GLY A 83 20.39 7.53 -46.36
C GLY A 83 19.19 8.43 -46.57
N MET A 84 18.04 7.88 -46.93
CA MET A 84 16.85 8.69 -47.14
C MET A 84 16.28 9.16 -45.80
N SER A 85 15.62 10.31 -45.83
CA SER A 85 14.95 10.83 -44.66
C SER A 85 13.94 9.81 -44.13
N ILE A 86 13.79 9.77 -42.81
CA ILE A 86 12.97 8.75 -42.16
C ILE A 86 11.49 9.00 -42.38
N ASP A 87 11.09 10.26 -42.58
CA ASP A 87 9.68 10.59 -42.68
C ASP A 87 9.10 10.37 -44.08
N HIS A 88 9.93 10.11 -45.09
CA HIS A 88 9.40 9.66 -46.37
C HIS A 88 8.65 8.34 -46.22
N CYS A 89 9.02 7.55 -45.22
CA CYS A 89 8.39 6.26 -44.97
C CYS A 89 6.94 6.42 -44.54
N SER A 90 6.61 7.53 -43.87
CA SER A 90 5.29 7.76 -43.32
C SER A 90 4.49 8.79 -44.11
N SER A 91 4.90 9.07 -45.35
CA SER A 91 4.08 9.90 -46.23
C SER A 91 2.75 9.25 -46.56
N PHE A 92 2.67 7.91 -46.44
CA PHE A 92 1.51 7.16 -46.88
C PHE A 92 0.65 6.68 -45.72
N ILE A 93 0.59 7.45 -44.63
CA ILE A 93 -0.29 7.17 -43.51
C ILE A 93 -0.97 8.47 -43.10
N VAL A 94 -2.28 8.42 -42.88
CA VAL A 94 -3.04 9.56 -42.37
C VAL A 94 -2.39 10.03 -41.08
N PRO A 95 -2.08 11.32 -40.95
CA PRO A 95 -1.37 11.77 -39.74
C PRO A 95 -2.09 11.44 -38.44
N GLU A 96 -3.41 11.61 -38.40
CA GLU A 96 -4.17 11.22 -37.21
C GLU A 96 -4.00 9.74 -36.91
N PHE A 97 -4.06 8.90 -37.95
CA PHE A 97 -3.93 7.46 -37.75
C PHE A 97 -2.51 7.05 -37.36
N ALA A 98 -1.51 7.80 -37.81
CA ALA A 98 -0.12 7.47 -37.57
C ALA A 98 0.34 7.77 -36.14
N LYS A 99 -0.49 8.42 -35.33
CA LYS A 99 -0.06 8.80 -33.99
C LYS A 99 0.27 7.58 -33.12
N GLN A 100 -0.37 6.44 -33.37
CA GLN A 100 -0.23 5.26 -32.53
C GLN A 100 0.68 4.20 -33.12
N TYR A 101 1.50 4.55 -34.11
CA TYR A 101 2.35 3.59 -34.80
C TYR A 101 3.81 4.01 -34.73
N VAL A 102 4.69 3.03 -34.51
CA VAL A 102 6.12 3.26 -34.43
C VAL A 102 6.79 2.57 -35.63
N LEU A 103 7.85 3.19 -36.13
CA LEU A 103 8.55 2.69 -37.32
C LEU A 103 9.71 1.82 -36.89
N ILE A 104 9.62 0.52 -37.19
CA ILE A 104 10.68 -0.43 -36.82
C ILE A 104 11.51 -0.77 -38.06
N HIS A 105 12.50 -1.63 -37.88
CA HIS A 105 13.34 -2.06 -38.99
C HIS A 105 12.56 -3.00 -39.91
N GLY A 106 12.70 -2.79 -41.22
CA GLY A 106 12.05 -3.62 -42.20
C GLY A 106 13.02 -4.60 -42.86
N GLU A 107 12.45 -5.49 -43.65
CA GLU A 107 13.24 -6.45 -44.40
C GLU A 107 14.06 -5.71 -45.47
N PRO A 108 15.24 -6.25 -45.82
CA PRO A 108 16.02 -5.62 -46.90
C PRO A 108 15.25 -5.62 -48.22
N CYS A 109 15.39 -4.51 -48.95
CA CYS A 109 14.73 -4.35 -50.24
C CYS A 109 15.70 -3.64 -51.19
N SER A 110 15.26 -3.49 -52.44
CA SER A 110 16.04 -2.80 -53.45
C SER A 110 15.18 -1.71 -54.09
N SER A 111 15.84 -0.64 -54.54
CA SER A 111 15.16 0.47 -55.18
C SER A 111 15.99 0.93 -56.36
N PHE A 112 15.43 1.84 -57.14
CA PHE A 112 16.18 2.49 -58.21
C PHE A 112 16.77 3.81 -57.69
N LYS A 113 18.05 4.03 -57.96
CA LYS A 113 18.69 5.26 -57.49
C LYS A 113 18.04 6.48 -58.11
N PHE A 114 17.76 6.42 -59.41
CA PHE A 114 17.10 7.54 -60.09
C PHE A 114 15.62 7.63 -59.73
N ARG A 115 15.01 6.52 -59.30
CA ARG A 115 13.62 6.49 -58.85
C ARG A 115 13.59 6.06 -57.39
N PRO A 116 13.99 6.93 -56.46
CA PRO A 116 14.07 6.52 -55.05
C PRO A 116 12.69 6.17 -54.49
N GLY A 117 12.70 5.19 -53.59
CA GLY A 117 11.48 4.75 -52.94
C GLY A 117 10.77 3.60 -53.63
N SER A 118 11.15 3.24 -54.84
CA SER A 118 10.52 2.15 -55.55
C SER A 118 10.88 0.81 -54.89
N LEU A 119 9.94 -0.13 -54.94
CA LEU A 119 10.11 -1.45 -54.33
C LEU A 119 10.34 -2.46 -55.46
N ILE A 120 11.59 -2.91 -55.61
CA ILE A 120 11.86 -3.97 -56.57
C ILE A 120 11.36 -5.29 -56.01
N TYR A 121 10.50 -5.96 -56.76
CA TYR A 121 10.05 -7.30 -56.40
C TYR A 121 11.07 -8.34 -56.87
N TYR A 122 11.05 -9.49 -56.21
CA TYR A 122 11.87 -10.64 -56.56
C TYR A 122 10.94 -11.71 -57.10
N GLN A 123 10.86 -11.81 -58.42
CA GLN A 123 9.88 -12.66 -59.07
C GLN A 123 10.58 -13.80 -59.80
N ASN A 124 10.05 -14.22 -60.96
CA ASN A 124 10.60 -15.38 -61.64
C ASN A 124 11.98 -15.10 -62.21
N GLU A 125 12.06 -14.15 -63.15
CA GLU A 125 13.34 -13.83 -63.76
C GLU A 125 14.20 -12.97 -62.83
N VAL A 126 13.59 -12.04 -62.11
CA VAL A 126 14.30 -11.12 -61.24
C VAL A 126 14.62 -11.85 -59.94
N THR A 127 15.87 -12.26 -59.78
CA THR A 127 16.33 -13.03 -58.63
C THR A 127 17.18 -12.15 -57.70
N PRO A 128 17.37 -12.56 -56.44
CA PRO A 128 18.27 -11.79 -55.57
C PRO A 128 19.68 -11.67 -56.12
N GLU A 129 20.16 -12.67 -56.86
CA GLU A 129 21.50 -12.59 -57.43
C GLU A 129 21.56 -11.57 -58.56
N TYR A 130 20.50 -11.49 -59.37
CA TYR A 130 20.45 -10.50 -60.44
C TYR A 130 20.65 -9.09 -59.91
N ILE A 131 20.02 -8.77 -58.78
CA ILE A 131 20.14 -7.44 -58.19
C ILE A 131 21.56 -7.19 -57.71
N LYS A 132 22.20 -8.20 -57.13
CA LYS A 132 23.56 -8.05 -56.63
C LYS A 132 24.55 -7.74 -57.75
N ASP A 133 24.36 -8.33 -58.93
CA ASP A 133 25.27 -8.05 -60.03
C ASP A 133 24.98 -6.71 -60.70
N LEU A 134 23.72 -6.24 -60.64
CA LEU A 134 23.39 -4.94 -61.22
C LEU A 134 23.92 -3.80 -60.37
N LYS A 135 23.78 -3.90 -59.04
CA LYS A 135 24.38 -2.89 -58.16
C LYS A 135 25.89 -2.86 -58.31
N HIS A 136 26.52 -4.04 -58.38
CA HIS A 136 27.96 -4.14 -58.63
C HIS A 136 28.35 -3.65 -60.02
N ALA A 137 27.39 -3.44 -60.92
CA ALA A 137 27.67 -3.06 -62.29
C ALA A 137 27.59 -1.56 -62.54
N THR A 138 26.63 -0.86 -61.93
CA THR A 138 26.37 0.53 -62.31
C THR A 138 25.55 1.19 -61.21
N ASP A 139 25.15 2.44 -61.47
CA ASP A 139 24.52 3.35 -60.52
C ASP A 139 22.99 3.33 -60.60
N TYR A 140 22.41 2.31 -61.23
CA TYR A 140 20.97 2.34 -61.48
C TYR A 140 20.13 1.83 -60.32
N ILE A 141 20.73 1.27 -59.27
CA ILE A 141 19.98 0.56 -58.25
C ILE A 141 20.59 0.84 -56.87
N ALA A 142 19.72 1.13 -55.91
CA ALA A 142 20.10 1.31 -54.51
C ALA A 142 19.49 0.20 -53.67
N SER A 143 19.93 0.13 -52.41
CA SER A 143 19.44 -0.85 -51.46
C SER A 143 18.99 -0.15 -50.18
N GLY A 144 18.05 -0.78 -49.47
CA GLY A 144 17.51 -0.24 -48.24
C GLY A 144 16.67 -1.21 -47.44
N GLN A 145 15.74 -0.70 -46.63
CA GLN A 145 14.86 -1.54 -45.82
C GLN A 145 13.41 -1.15 -46.05
N ARG A 146 12.54 -2.15 -45.94
CA ARG A 146 11.13 -1.98 -46.21
C ARG A 146 10.47 -1.14 -45.12
N CYS A 147 9.49 -0.32 -45.53
CA CYS A 147 8.73 0.47 -44.58
C CYS A 147 7.84 -0.44 -43.74
N HIS A 148 7.97 -0.33 -42.41
CA HIS A 148 7.33 -1.27 -41.49
C HIS A 148 6.90 -0.54 -40.23
N PHE A 149 5.59 -0.43 -40.02
CA PHE A 149 5.01 0.20 -38.85
C PHE A 149 4.32 -0.83 -37.97
N ILE A 150 4.36 -0.59 -36.66
CA ILE A 150 3.75 -1.48 -35.68
C ILE A 150 2.82 -0.66 -34.80
N LYS A 151 1.67 -1.23 -34.46
CA LYS A 151 0.70 -0.59 -33.60
C LYS A 151 1.16 -0.67 -32.15
N LYS A 152 1.29 0.48 -31.49
CA LYS A 152 1.54 0.53 -30.05
C LYS A 152 0.43 1.30 -29.36
N ASP A 153 0.57 2.62 -29.26
CA ASP A 153 -0.38 3.50 -28.60
C ASP A 153 0.12 4.93 -28.75
N TYR A 154 -0.62 5.90 -28.20
CA TYR A 154 -0.19 7.29 -28.28
C TYR A 154 1.13 7.48 -27.52
N LEU A 155 1.99 8.35 -28.06
CA LEU A 155 3.33 8.57 -27.53
C LEU A 155 3.42 10.00 -27.02
N LEU A 156 3.39 10.16 -25.70
CA LEU A 156 3.49 11.48 -25.08
C LEU A 156 4.94 11.94 -25.04
N GLY A 157 5.13 13.25 -25.20
CA GLY A 157 6.47 13.80 -25.24
C GLY A 157 6.67 15.05 -24.42
N ASP A 158 5.61 15.52 -23.76
CA ASP A 158 5.67 16.72 -22.93
C ASP A 158 5.34 16.37 -21.48
N SER A 159 5.68 17.30 -20.59
CA SER A 159 5.13 17.26 -19.24
C SER A 159 3.67 17.68 -19.23
N ASP A 160 3.30 18.62 -20.11
CA ASP A 160 1.92 19.08 -20.18
C ASP A 160 1.01 18.02 -20.79
N SER A 161 1.53 17.20 -21.70
CA SER A 161 0.74 16.09 -22.23
C SER A 161 0.38 15.10 -21.13
N VAL A 162 1.34 14.79 -20.25
CA VAL A 162 1.04 13.93 -19.10
C VAL A 162 0.03 14.59 -18.19
N ALA A 163 0.15 15.91 -17.99
CA ALA A 163 -0.78 16.64 -17.14
C ALA A 163 -2.19 16.56 -17.68
N LYS A 164 -2.37 16.82 -18.99
CA LYS A 164 -3.71 16.82 -19.57
C LYS A 164 -4.33 15.43 -19.53
N CYS A 165 -3.52 14.39 -19.73
CA CYS A 165 -4.04 13.03 -19.71
C CYS A 165 -4.42 12.60 -18.30
N CYS A 166 -3.55 12.86 -17.33
CA CYS A 166 -3.80 12.40 -15.96
C CYS A 166 -4.90 13.20 -15.29
N SER A 167 -4.91 14.51 -15.49
CA SER A 167 -5.99 15.32 -14.93
C SER A 167 -7.33 15.08 -15.63
N LYS A 168 -7.32 14.39 -16.76
CA LYS A 168 -8.52 14.10 -17.54
C LYS A 168 -9.21 15.37 -18.00
N THR A 169 -8.45 16.47 -18.14
CA THR A 169 -8.98 17.67 -18.77
C THR A 169 -8.93 17.59 -20.29
N ASN A 170 -8.13 16.68 -20.83
CA ASN A 170 -8.06 16.46 -22.28
C ASN A 170 -7.50 15.06 -22.50
N THR A 171 -8.38 14.13 -22.87
CA THR A 171 -7.99 12.74 -23.07
C THR A 171 -8.04 12.33 -24.53
N LYS A 172 -7.81 13.28 -25.45
CA LYS A 172 -7.98 12.99 -26.88
C LYS A 172 -6.94 11.98 -27.36
N HIS A 173 -5.66 12.31 -27.24
CA HIS A 173 -4.56 11.44 -27.68
C HIS A 173 -3.75 11.06 -26.44
N CYS A 174 -4.29 10.14 -25.65
CA CYS A 174 -3.64 9.68 -24.44
C CYS A 174 -3.48 8.16 -24.49
N PRO A 175 -2.29 7.63 -24.20
CA PRO A 175 -2.15 6.18 -24.09
C PRO A 175 -2.95 5.63 -22.92
N LYS A 176 -3.17 4.32 -22.96
CA LYS A 176 -3.97 3.68 -21.92
C LYS A 176 -3.31 3.79 -20.55
N ILE A 177 -1.98 3.83 -20.50
CA ILE A 177 -1.28 3.87 -19.22
C ILE A 177 -1.52 5.19 -18.50
N PHE A 178 -1.77 6.27 -19.24
CA PHE A 178 -2.06 7.57 -18.65
C PHE A 178 -3.54 7.93 -18.74
N ASN A 179 -4.41 6.97 -19.05
CA ASN A 179 -5.84 7.22 -19.15
C ASN A 179 -6.60 5.92 -18.92
N ASN A 180 -6.44 5.32 -17.75
CA ASN A 180 -7.10 4.07 -17.41
C ASN A 180 -7.88 4.19 -16.11
N ASN A 181 -8.30 5.41 -15.76
CA ASN A 181 -9.00 5.67 -14.51
C ASN A 181 -8.14 5.27 -13.31
N TYR A 182 -6.83 5.49 -13.44
CA TYR A 182 -5.86 5.31 -12.35
C TYR A 182 -5.77 3.88 -11.86
N LYS A 183 -5.94 2.89 -12.75
CA LYS A 183 -5.73 1.51 -12.33
C LYS A 183 -4.25 1.14 -12.29
N THR A 184 -3.43 1.84 -13.06
CA THR A 184 -1.99 1.78 -12.91
C THR A 184 -1.49 3.01 -12.17
N GLU A 185 -0.22 2.98 -11.78
CA GLU A 185 0.36 4.04 -10.98
C GLU A 185 1.07 5.10 -11.81
N HIS A 186 0.89 5.10 -13.14
CA HIS A 186 1.60 6.04 -14.00
C HIS A 186 1.27 7.49 -13.68
N CYS A 187 0.04 7.76 -13.26
CA CYS A 187 -0.37 9.14 -12.99
C CYS A 187 -0.14 9.56 -11.54
N ASP A 188 0.38 8.67 -10.69
CA ASP A 188 0.44 8.96 -9.26
C ASP A 188 1.29 10.19 -8.98
N ASP A 189 2.45 10.31 -9.63
CA ASP A 189 3.36 11.39 -9.31
C ASP A 189 2.77 12.75 -9.67
N PHE A 190 2.06 12.83 -10.80
CA PHE A 190 1.40 14.09 -11.16
C PHE A 190 0.21 14.38 -10.25
N MET A 191 -0.53 13.34 -9.87
CA MET A 191 -1.77 13.56 -9.12
C MET A 191 -1.52 13.98 -7.68
N THR A 192 -0.36 13.65 -7.10
CA THR A 192 -0.08 14.07 -5.73
C THR A 192 -0.07 15.59 -5.63
N GLY A 193 0.54 16.26 -6.61
CA GLY A 193 0.57 17.71 -6.62
C GLY A 193 -0.71 18.32 -7.14
N PHE A 194 -1.34 17.66 -8.10
CA PHE A 194 -2.55 18.19 -8.70
C PHE A 194 -3.73 18.15 -7.73
N CYS A 195 -3.84 17.07 -6.95
CA CYS A 195 -4.98 16.93 -6.05
C CYS A 195 -4.80 17.70 -4.75
N ARG A 196 -3.56 18.01 -4.37
CA ARG A 196 -3.35 18.89 -3.23
C ARG A 196 -3.92 20.27 -3.49
N ASN A 197 -3.95 20.68 -4.76
CA ASN A 197 -4.48 21.99 -5.13
C ASN A 197 -5.99 21.98 -5.27
N ASP A 198 -6.58 20.84 -5.61
CA ASP A 198 -8.03 20.72 -5.80
C ASP A 198 -8.48 19.40 -5.22
N PRO A 199 -8.57 19.30 -3.89
CA PRO A 199 -8.89 18.00 -3.28
C PRO A 199 -10.31 17.53 -3.59
N GLY A 200 -11.23 18.43 -3.90
CA GLY A 200 -12.58 18.02 -4.22
C GLY A 200 -12.80 17.61 -5.65
N ASN A 201 -11.74 17.63 -6.47
CA ASN A 201 -11.87 17.28 -7.87
C ASN A 201 -12.41 15.86 -8.00
N PRO A 202 -13.42 15.63 -8.85
CA PRO A 202 -13.98 14.27 -8.97
C PRO A 202 -12.98 13.25 -9.48
N ASN A 203 -12.08 13.66 -10.38
CA ASN A 203 -11.05 12.74 -10.85
C ASN A 203 -10.03 12.45 -9.77
N CYS A 204 -9.87 13.36 -8.81
CA CYS A 204 -8.95 13.13 -7.70
C CYS A 204 -9.51 12.11 -6.72
N LEU A 205 -10.82 12.18 -6.45
CA LEU A 205 -11.44 11.17 -5.60
C LEU A 205 -11.47 9.81 -6.28
N GLU A 206 -11.50 9.79 -7.62
CA GLU A 206 -11.37 8.54 -8.34
C GLU A 206 -9.95 7.99 -8.21
N TRP A 207 -8.96 8.86 -8.28
CA TRP A 207 -7.57 8.45 -8.05
C TRP A 207 -7.38 7.95 -6.62
N LEU A 208 -8.07 8.59 -5.66
CA LEU A 208 -8.00 8.13 -4.27
C LEU A 208 -8.67 6.78 -4.10
N ARG A 209 -9.74 6.50 -4.85
CA ARG A 209 -10.42 5.22 -4.71
C ARG A 209 -9.62 4.05 -5.24
N ALA A 210 -8.55 4.30 -5.99
CA ALA A 210 -7.62 3.22 -6.34
C ALA A 210 -6.84 2.72 -5.14
N LYS A 211 -6.75 3.54 -4.08
CA LYS A 211 -6.22 3.13 -2.77
C LYS A 211 -4.78 2.62 -2.89
N ARG A 212 -3.94 3.41 -3.53
CA ARG A 212 -2.50 3.23 -3.49
C ARG A 212 -1.89 4.23 -2.49
N LYS A 213 -0.68 3.94 -2.05
CA LYS A 213 -0.07 4.73 -1.00
C LYS A 213 0.09 6.21 -1.32
N PRO A 214 0.55 6.63 -2.52
CA PRO A 214 0.67 8.07 -2.78
C PRO A 214 -0.64 8.83 -2.63
N ALA A 215 -1.76 8.22 -3.02
CA ALA A 215 -3.04 8.91 -2.91
C ALA A 215 -3.53 8.98 -1.47
N MET A 216 -3.44 7.88 -0.73
CA MET A 216 -3.91 7.88 0.65
C MET A 216 -3.00 8.71 1.54
N SER A 217 -1.71 8.82 1.19
CA SER A 217 -0.81 9.70 1.92
C SER A 217 -1.10 11.16 1.61
N THR A 218 -1.33 11.48 0.34
CA THR A 218 -1.62 12.86 -0.05
C THR A 218 -2.88 13.37 0.64
N TYR A 219 -3.94 12.57 0.61
CA TYR A 219 -5.17 12.97 1.30
C TYR A 219 -5.04 12.89 2.81
N SER A 220 -4.08 12.13 3.33
CA SER A 220 -3.80 12.19 4.76
C SER A 220 -3.21 13.55 5.13
N ASP A 221 -2.32 14.08 4.28
CA ASP A 221 -1.81 15.43 4.51
C ASP A 221 -2.90 16.48 4.34
N ILE A 222 -3.73 16.34 3.31
CA ILE A 222 -4.77 17.32 3.04
C ILE A 222 -5.77 17.37 4.18
N CYS A 223 -6.23 16.20 4.64
CA CYS A 223 -7.25 16.14 5.67
C CYS A 223 -6.70 16.36 7.08
N SER A 224 -5.38 16.36 7.26
CA SER A 224 -4.83 16.80 8.52
C SER A 224 -4.94 18.31 8.70
N LYS A 225 -5.27 19.03 7.63
CA LYS A 225 -5.54 20.46 7.66
C LYS A 225 -6.99 20.82 7.37
N HIS A 226 -7.69 20.04 6.55
CA HIS A 226 -9.05 20.34 6.12
C HIS A 226 -9.99 19.18 6.38
N MET A 227 -9.91 18.60 7.59
CA MET A 227 -10.79 17.50 7.96
C MET A 227 -12.26 17.89 7.91
N ASP A 228 -12.57 19.16 8.14
CA ASP A 228 -13.96 19.62 8.07
C ASP A 228 -14.53 19.55 6.67
N ALA A 229 -13.68 19.47 5.65
CA ALA A 229 -14.15 19.56 4.27
C ALA A 229 -15.00 18.34 3.91
N ARG A 230 -15.83 18.53 2.88
CA ARG A 230 -16.74 17.49 2.43
C ARG A 230 -15.96 16.30 1.84
N TYR A 231 -14.88 16.59 1.12
CA TYR A 231 -14.12 15.52 0.47
C TYR A 231 -13.34 14.67 1.46
N CYS A 232 -13.07 15.19 2.66
CA CYS A 232 -12.42 14.36 3.67
C CYS A 232 -13.37 13.37 4.32
N SER A 233 -14.68 13.65 4.30
CA SER A 233 -15.65 12.62 4.64
C SER A 233 -15.59 11.48 3.64
N GLU A 234 -15.36 11.79 2.37
CA GLU A 234 -15.20 10.75 1.36
C GLU A 234 -13.87 10.03 1.54
N PHE A 235 -12.82 10.76 1.92
CA PHE A 235 -11.52 10.14 2.18
C PHE A 235 -11.63 9.07 3.26
N ILE A 236 -12.30 9.39 4.37
CA ILE A 236 -12.45 8.45 5.46
C ILE A 236 -13.31 7.26 5.02
N ARG A 237 -14.33 7.51 4.20
CA ARG A 237 -15.18 6.43 3.72
C ARG A 237 -14.41 5.48 2.81
N ILE A 238 -13.48 6.00 2.02
CA ILE A 238 -12.75 5.18 1.08
C ILE A 238 -11.75 4.28 1.81
N ILE A 239 -10.92 4.88 2.68
CA ILE A 239 -9.86 4.12 3.33
C ILE A 239 -10.34 3.26 4.49
N ARG A 240 -11.60 3.40 4.90
CA ARG A 240 -11.95 2.47 5.96
C ARG A 240 -12.59 1.22 5.38
N PRO A 241 -12.29 0.04 5.92
CA PRO A 241 -11.37 -0.22 7.03
C PRO A 241 -10.01 -0.75 6.57
N ASP A 242 -9.75 -0.76 5.26
CA ASP A 242 -8.54 -1.43 4.76
C ASP A 242 -7.27 -0.66 5.10
N TYR A 243 -7.33 0.67 5.14
CA TYR A 243 -6.17 1.50 5.41
C TYR A 243 -6.57 2.66 6.33
N PHE A 244 -7.14 2.32 7.49
CA PHE A 244 -7.69 3.34 8.37
C PHE A 244 -6.63 4.24 8.98
N THR A 245 -5.37 3.79 9.04
CA THR A 245 -4.34 4.56 9.73
C THR A 245 -4.10 5.91 9.05
N PHE A 246 -4.25 5.98 7.73
CA PHE A 246 -4.08 7.25 7.02
C PHE A 246 -5.11 8.29 7.43
N GLY A 247 -6.26 7.85 7.95
CA GLY A 247 -7.25 8.77 8.46
C GLY A 247 -7.03 9.11 9.92
N ASP A 248 -6.49 8.15 10.68
CA ASP A 248 -6.25 8.39 12.10
C ASP A 248 -5.12 9.39 12.31
N THR A 249 -4.08 9.33 11.48
CA THR A 249 -3.00 10.31 11.59
C THR A 249 -3.51 11.70 11.23
N ALA A 250 -4.33 11.80 10.19
CA ALA A 250 -4.88 13.10 9.78
C ALA A 250 -5.79 13.66 10.85
N LEU A 251 -6.61 12.82 11.48
CA LEU A 251 -7.49 13.31 12.55
C LEU A 251 -6.69 13.73 13.76
N TYR A 252 -5.62 13.00 14.08
CA TYR A 252 -4.78 13.36 15.21
C TYR A 252 -4.13 14.73 15.01
N VAL A 253 -3.56 14.95 13.83
CA VAL A 253 -2.91 16.24 13.54
C VAL A 253 -3.94 17.36 13.51
N PHE A 254 -5.09 17.12 12.87
CA PHE A 254 -6.10 18.16 12.75
C PHE A 254 -6.67 18.55 14.11
N CYS A 255 -6.89 17.58 14.99
CA CYS A 255 -7.49 17.90 16.28
C CYS A 255 -6.47 18.37 17.31
N ASN A 256 -5.16 18.29 17.01
CA ASN A 256 -4.19 18.99 17.84
C ASN A 256 -4.06 20.45 17.42
N ASP A 257 -4.09 20.72 16.11
CA ASP A 257 -4.06 22.10 15.63
C ASP A 257 -5.37 22.83 15.87
N HIS A 258 -6.45 22.09 16.17
CA HIS A 258 -7.77 22.67 16.43
C HIS A 258 -8.37 21.99 17.67
N LYS A 259 -7.75 22.21 18.83
CA LYS A 259 -8.18 21.53 20.03
C LYS A 259 -9.46 22.10 20.62
N GLY A 260 -9.82 23.34 20.30
CA GLY A 260 -11.05 23.89 20.83
C GLY A 260 -12.27 23.58 19.98
N ASN A 261 -12.02 23.20 18.73
CA ASN A 261 -13.11 22.96 17.78
C ASN A 261 -14.03 21.86 18.30
N ARG A 262 -15.34 22.14 18.26
CA ARG A 262 -16.30 21.23 18.87
C ARG A 262 -16.34 19.87 18.18
N ASN A 263 -15.99 19.83 16.89
CA ASN A 263 -15.93 18.55 16.18
C ASN A 263 -14.82 17.65 16.67
N CYS A 264 -13.87 18.17 17.45
CA CYS A 264 -12.77 17.40 18.00
C CYS A 264 -12.99 16.98 19.44
N TRP A 265 -14.23 17.12 19.94
CA TRP A 265 -14.49 16.88 21.36
C TRP A 265 -14.17 15.44 21.76
N CYS A 266 -14.51 14.47 20.91
CA CYS A 266 -14.33 13.07 21.26
C CYS A 266 -12.95 12.53 20.85
N ALA A 267 -12.34 13.11 19.82
CA ALA A 267 -11.02 12.64 19.38
C ALA A 267 -9.90 13.23 20.23
N ASN A 268 -10.09 14.45 20.75
CA ASN A 268 -9.08 15.13 21.56
C ASN A 268 -9.84 15.98 22.59
N TYR A 269 -10.19 15.37 23.72
CA TYR A 269 -10.97 16.04 24.74
C TYR A 269 -10.29 17.34 25.17
N PRO A 270 -10.99 18.48 25.11
CA PRO A 270 -10.31 19.78 25.32
C PRO A 270 -9.94 20.08 26.76
N LYS A 271 -10.63 19.48 27.74
CA LYS A 271 -10.46 19.85 29.14
C LYS A 271 -9.56 18.88 29.91
N SER A 272 -8.74 18.09 29.20
CA SER A 272 -7.75 17.25 29.84
C SER A 272 -6.42 17.40 29.11
N ASN A 273 -5.33 17.12 29.82
CA ASN A 273 -4.00 17.26 29.25
C ASN A 273 -3.84 16.39 28.01
N SER A 274 -4.06 15.09 28.15
CA SER A 274 -4.20 14.20 27.00
C SER A 274 -5.69 14.05 26.71
N GLY A 275 -6.08 14.36 25.47
CA GLY A 275 -7.49 14.33 25.14
C GLY A 275 -8.03 12.93 24.89
N ASP A 276 -7.73 12.00 25.79
CA ASP A 276 -8.09 10.60 25.61
C ASP A 276 -9.25 10.17 26.49
N LYS A 277 -10.08 11.13 26.93
CA LYS A 277 -11.16 10.80 27.86
C LYS A 277 -12.14 9.80 27.26
N TYR A 278 -12.35 9.85 25.94
CA TYR A 278 -13.35 9.02 25.28
C TYR A 278 -12.73 8.13 24.21
N LEU A 279 -11.46 7.79 24.34
CA LEU A 279 -10.84 6.89 23.39
C LEU A 279 -11.19 5.44 23.73
N GLY A 280 -11.11 4.58 22.71
CA GLY A 280 -11.37 3.18 22.86
C GLY A 280 -12.80 2.88 23.24
N PRO A 281 -12.98 1.95 24.19
CA PRO A 281 -14.34 1.64 24.66
C PRO A 281 -15.00 2.78 25.40
N ARG A 282 -14.23 3.73 25.92
CA ARG A 282 -14.80 4.87 26.64
C ARG A 282 -15.54 5.84 25.73
N VAL A 283 -15.63 5.55 24.43
CA VAL A 283 -16.34 6.42 23.49
C VAL A 283 -17.82 6.51 23.85
N CYS A 284 -18.36 5.47 24.49
CA CYS A 284 -19.79 5.38 24.77
C CYS A 284 -20.19 5.97 26.11
N TRP A 285 -19.25 6.55 26.85
CA TRP A 285 -19.59 7.22 28.10
C TRP A 285 -20.14 8.62 27.88
N LEU A 286 -20.19 9.08 26.63
CA LEU A 286 -20.77 10.37 26.28
C LEU A 286 -21.65 10.19 25.05
N HIS A 287 -22.87 10.74 25.10
CA HIS A 287 -23.81 10.55 24.02
C HIS A 287 -23.38 11.27 22.74
N GLU A 288 -22.70 12.40 22.86
CA GLU A 288 -22.29 13.14 21.67
C GLU A 288 -21.33 12.33 20.80
N CYS A 289 -20.57 11.42 21.40
CA CYS A 289 -19.61 10.62 20.64
C CYS A 289 -20.30 9.47 19.91
N THR A 290 -21.30 8.86 20.54
CA THR A 290 -22.07 7.79 19.91
C THR A 290 -23.21 8.30 19.04
N ASP A 291 -23.49 9.60 19.09
CA ASP A 291 -24.56 10.22 18.34
C ASP A 291 -24.43 9.91 16.85
N GLU A 292 -25.37 9.16 16.30
CA GLU A 292 -25.40 8.97 14.85
C GLU A 292 -25.68 10.31 14.17
N SER A 293 -25.57 10.30 12.83
CA SER A 293 -25.64 11.46 11.95
C SER A 293 -24.41 12.34 12.14
N ARG A 294 -23.67 12.12 13.23
CA ARG A 294 -22.35 12.72 13.35
C ARG A 294 -21.41 12.03 12.38
N ASP A 295 -20.64 12.83 11.65
CA ASP A 295 -19.73 12.27 10.65
C ASP A 295 -18.69 11.40 11.34
N ARG A 296 -18.54 10.17 10.85
CA ARG A 296 -17.64 9.22 11.50
C ARG A 296 -16.17 9.64 11.39
N LYS A 297 -15.86 10.63 10.56
CA LYS A 297 -14.48 11.10 10.45
C LYS A 297 -14.00 11.79 11.73
N TRP A 298 -14.91 12.18 12.62
CA TRP A 298 -14.56 12.84 13.87
C TRP A 298 -14.24 11.87 14.99
N LEU A 299 -14.34 10.57 14.75
CA LEU A 299 -13.84 9.55 15.66
C LEU A 299 -12.70 8.81 14.98
N TYR A 300 -11.77 8.29 15.79
CA TYR A 300 -10.76 7.41 15.24
C TYR A 300 -11.42 6.11 14.78
N TYR A 301 -10.68 5.33 13.98
CA TYR A 301 -11.25 4.12 13.41
C TYR A 301 -11.69 3.15 14.50
N ASN A 302 -10.76 2.73 15.36
CA ASN A 302 -11.12 1.79 16.41
C ASN A 302 -12.05 2.42 17.42
N GLN A 303 -12.02 3.74 17.58
CA GLN A 303 -13.01 4.44 18.39
C GLN A 303 -14.41 4.26 17.80
N ASP A 304 -14.54 4.40 16.48
CA ASP A 304 -15.81 4.19 15.81
C ASP A 304 -16.26 2.73 15.89
N VAL A 305 -15.31 1.80 15.89
CA VAL A 305 -15.64 0.38 16.01
C VAL A 305 -16.21 0.08 17.39
N GLN A 306 -15.55 0.59 18.43
CA GLN A 306 -16.04 0.35 19.79
C GLN A 306 -17.39 1.00 20.02
N ARG A 307 -17.70 2.07 19.27
CA ARG A 307 -19.00 2.72 19.39
C ARG A 307 -20.13 1.77 19.03
N THR A 308 -19.93 0.93 18.01
CA THR A 308 -20.96 0.01 17.55
C THR A 308 -21.07 -1.24 18.41
N ARG A 309 -20.13 -1.48 19.31
CA ARG A 309 -20.16 -2.65 20.20
C ARG A 309 -20.46 -2.27 21.64
N CYS A 310 -21.40 -1.35 21.85
CA CYS A 310 -21.68 -0.84 23.18
C CYS A 310 -23.03 -1.34 23.68
N LYS A 311 -23.09 -1.62 24.98
CA LYS A 311 -24.24 -2.27 25.60
C LYS A 311 -25.11 -1.22 26.27
N TYR A 312 -26.28 -0.97 25.69
CA TYR A 312 -27.24 -0.02 26.21
C TYR A 312 -28.31 -0.73 27.03
N VAL A 313 -28.97 0.03 27.90
CA VAL A 313 -30.03 -0.50 28.74
C VAL A 313 -31.25 0.41 28.68
N VAL B 24 20.96 8.06 -71.72
CA VAL B 24 19.92 7.13 -72.14
C VAL B 24 18.58 7.59 -71.55
N GLU B 25 18.62 8.77 -70.93
CA GLU B 25 17.42 9.46 -70.46
C GLU B 25 16.60 8.60 -69.49
N LEU B 26 17.03 8.50 -68.24
CA LEU B 26 16.31 7.68 -67.28
C LEU B 26 15.00 8.35 -66.86
N PRO B 27 13.95 7.57 -66.58
CA PRO B 27 12.67 8.12 -66.10
C PRO B 27 12.65 8.34 -64.59
N LYS B 28 13.24 9.45 -64.16
CA LYS B 28 13.38 9.72 -62.74
C LYS B 28 12.05 10.18 -62.14
N ARG B 29 11.93 9.99 -60.82
CA ARG B 29 10.74 10.39 -60.10
C ARG B 29 11.10 10.60 -58.64
N ASP B 30 10.69 11.74 -58.08
CA ASP B 30 11.02 11.99 -56.68
C ASP B 30 9.92 11.43 -55.77
N PRO B 31 10.31 10.87 -54.62
CA PRO B 31 9.31 10.37 -53.67
C PRO B 31 8.45 11.51 -53.14
N PRO B 32 7.26 11.19 -52.62
CA PRO B 32 6.41 12.25 -52.08
C PRO B 32 7.06 12.89 -50.86
N PRO B 33 6.72 14.14 -50.56
CA PRO B 33 7.33 14.80 -49.39
C PRO B 33 7.00 14.06 -48.11
N GLY B 34 8.00 13.98 -47.23
CA GLY B 34 7.82 13.23 -46.00
C GLY B 34 6.86 13.92 -45.04
N VAL B 35 6.06 13.12 -44.36
CA VAL B 35 5.13 13.57 -43.35
C VAL B 35 5.47 12.85 -42.05
N PRO B 36 6.24 13.49 -41.16
CA PRO B 36 6.70 12.79 -39.95
C PRO B 36 5.56 12.46 -39.01
N THR B 37 5.75 11.38 -38.25
CA THR B 37 4.78 10.94 -37.27
C THR B 37 5.09 11.57 -35.91
N ASP B 38 4.21 11.30 -34.93
CA ASP B 38 4.48 11.78 -33.58
C ASP B 38 5.76 11.18 -33.02
N GLU B 39 6.06 9.93 -33.36
CA GLU B 39 7.29 9.31 -32.88
C GLU B 39 8.51 10.05 -33.39
N MET B 40 8.49 10.45 -34.66
CA MET B 40 9.62 11.14 -35.27
C MET B 40 9.83 12.54 -34.71
N LEU B 41 8.84 13.10 -34.02
CA LEU B 41 8.95 14.43 -33.43
C LEU B 41 9.22 14.39 -31.93
N LEU B 42 9.55 13.23 -31.37
CA LEU B 42 9.79 13.10 -29.95
C LEU B 42 11.19 13.57 -29.59
N ASN B 43 11.28 14.41 -28.56
CA ASN B 43 12.54 14.94 -28.06
C ASN B 43 12.73 14.42 -26.64
N VAL B 44 13.74 13.56 -26.45
CA VAL B 44 13.93 12.91 -25.16
C VAL B 44 14.27 13.94 -24.07
N ASP B 45 14.85 15.07 -24.45
CA ASP B 45 15.17 16.11 -23.48
C ASP B 45 13.93 16.77 -22.88
N LYS B 46 12.73 16.38 -23.29
CA LYS B 46 11.50 16.96 -22.76
C LYS B 46 10.61 15.94 -22.09
N MET B 47 11.11 14.73 -21.82
CA MET B 47 10.28 13.59 -21.50
C MET B 47 10.57 13.02 -20.11
N HIS B 48 11.13 13.82 -19.20
CA HIS B 48 11.47 13.30 -17.89
C HIS B 48 10.22 12.85 -17.12
N ASP B 49 9.10 13.55 -17.30
CA ASP B 49 7.85 13.13 -16.67
C ASP B 49 7.13 12.03 -17.43
N VAL B 50 7.63 11.64 -18.61
CA VAL B 50 7.08 10.50 -19.32
C VAL B 50 7.86 9.24 -19.02
N ILE B 51 9.19 9.37 -18.87
CA ILE B 51 10.05 8.21 -18.69
C ILE B 51 10.04 7.74 -17.24
N ALA B 52 10.00 8.66 -16.29
CA ALA B 52 10.10 8.29 -14.88
C ALA B 52 8.96 7.37 -14.41
N PRO B 53 7.69 7.60 -14.74
CA PRO B 53 6.63 6.68 -14.28
C PRO B 53 6.59 5.35 -15.03
N ALA B 54 7.48 5.12 -16.00
CA ALA B 54 7.46 3.87 -16.74
C ALA B 54 7.72 2.68 -15.81
N LYS B 55 7.13 1.55 -16.14
CA LYS B 55 7.25 0.33 -15.36
C LYS B 55 8.12 -0.69 -16.11
N LEU B 56 8.29 -1.85 -15.50
CA LEU B 56 9.02 -2.94 -16.14
C LEU B 56 8.26 -3.43 -17.37
N LEU B 57 9.02 -3.90 -18.36
CA LEU B 57 8.53 -4.47 -19.62
C LEU B 57 7.84 -3.45 -20.52
N GLU B 58 7.93 -2.16 -20.21
CA GLU B 58 7.29 -1.11 -21.00
C GLU B 58 8.34 -0.35 -21.79
N TYR B 59 8.14 -0.26 -23.10
CA TYR B 59 8.99 0.55 -23.97
C TYR B 59 8.46 1.98 -24.00
N VAL B 60 9.36 2.94 -23.82
CA VAL B 60 9.03 4.36 -23.89
C VAL B 60 9.80 4.93 -25.08
N HIS B 61 9.11 5.09 -26.20
CA HIS B 61 9.75 5.62 -27.39
C HIS B 61 10.12 7.09 -27.17
N ILE B 62 11.31 7.46 -27.62
CA ILE B 62 11.87 8.78 -27.33
C ILE B 62 12.24 9.49 -28.63
N GLY B 63 11.81 8.94 -29.76
CA GLY B 63 12.09 9.53 -31.04
C GLY B 63 13.50 9.24 -31.54
N PRO B 64 13.88 9.87 -32.64
CA PRO B 64 15.24 9.66 -33.17
C PRO B 64 16.29 10.30 -32.26
N LEU B 65 17.37 9.56 -32.02
CA LEU B 65 18.41 9.99 -31.10
C LEU B 65 19.75 9.93 -31.82
N ALA B 66 20.43 11.07 -31.89
CA ALA B 66 21.75 11.11 -32.52
C ALA B 66 22.72 10.19 -31.80
N LYS B 67 23.70 9.69 -32.55
CA LYS B 67 24.63 8.71 -31.99
C LYS B 67 25.45 9.30 -30.85
N ASP B 68 25.79 10.58 -30.93
CA ASP B 68 26.59 11.23 -29.90
C ASP B 68 25.81 11.50 -28.62
N LYS B 69 24.49 11.36 -28.65
CA LYS B 69 23.65 11.63 -27.49
C LYS B 69 23.23 10.38 -26.75
N GLU B 70 23.75 9.22 -27.13
CA GLU B 70 23.35 7.97 -26.47
C GLU B 70 23.93 7.89 -25.07
N ASP B 71 25.17 8.32 -24.88
CA ASP B 71 25.75 8.32 -23.54
C ASP B 71 25.05 9.31 -22.62
N LYS B 72 24.60 10.43 -23.17
CA LYS B 72 23.86 11.41 -22.38
C LYS B 72 22.54 10.83 -21.88
N VAL B 73 21.89 10.00 -22.71
CA VAL B 73 20.62 9.41 -22.31
C VAL B 73 20.83 8.24 -21.35
N LYS B 74 21.82 7.39 -21.64
CA LYS B 74 22.04 6.21 -20.80
C LYS B 74 22.51 6.58 -19.41
N LYS B 75 23.25 7.68 -19.27
CA LYS B 75 23.67 8.13 -17.95
C LYS B 75 22.53 8.82 -17.20
N ARG B 76 21.61 9.45 -17.92
CA ARG B 76 20.46 10.08 -17.29
C ARG B 76 19.48 9.04 -16.75
N TYR B 77 19.38 7.88 -17.41
CA TYR B 77 18.44 6.83 -17.02
C TYR B 77 19.18 5.51 -16.90
N PRO B 78 19.99 5.34 -15.85
CA PRO B 78 20.74 4.08 -15.70
C PRO B 78 19.86 2.88 -15.45
N GLU B 79 18.63 3.07 -14.98
CA GLU B 79 17.71 1.96 -14.77
C GLU B 79 17.12 1.41 -16.05
N PHE B 80 17.21 2.16 -17.15
CA PHE B 80 16.61 1.78 -18.42
C PHE B 80 17.67 1.26 -19.38
N ARG B 81 17.22 0.47 -20.35
CA ARG B 81 18.05 0.05 -21.47
C ARG B 81 17.66 0.83 -22.71
N LEU B 82 18.65 1.48 -23.33
CA LEU B 82 18.42 2.19 -24.58
C LEU B 82 18.38 1.19 -25.72
N VAL B 83 17.24 1.11 -26.40
CA VAL B 83 17.01 0.14 -27.46
C VAL B 83 16.81 0.90 -28.77
N ASN B 84 17.54 0.51 -29.81
CA ASN B 84 17.34 1.04 -31.14
C ASN B 84 16.19 0.27 -31.78
N THR B 85 15.03 0.91 -31.86
CA THR B 85 13.81 0.23 -32.30
C THR B 85 13.57 0.33 -33.80
N GLY B 86 14.03 1.39 -34.45
CA GLY B 86 13.77 1.58 -35.86
C GLY B 86 14.85 2.37 -36.57
N PRO B 87 14.64 2.63 -37.86
CA PRO B 87 15.63 3.38 -38.64
C PRO B 87 15.67 4.84 -38.23
N GLY B 88 16.67 5.54 -38.76
CA GLY B 88 16.83 6.95 -38.45
C GLY B 88 17.17 7.22 -37.01
N GLY B 89 17.65 6.21 -36.28
CA GLY B 89 17.97 6.37 -34.88
C GLY B 89 16.80 6.36 -33.94
N LEU B 90 15.64 5.87 -34.38
CA LEU B 90 14.49 5.76 -33.48
C LEU B 90 14.84 4.87 -32.29
N SER B 91 14.62 5.38 -31.09
CA SER B 91 15.04 4.70 -29.88
C SER B 91 13.90 4.64 -28.88
N ALA B 92 14.04 3.74 -27.91
CA ALA B 92 13.09 3.63 -26.82
C ALA B 92 13.85 3.24 -25.56
N LEU B 93 13.26 3.54 -24.41
CA LEU B 93 13.82 3.20 -23.11
C LEU B 93 12.98 2.13 -22.46
N LEU B 94 13.64 1.10 -21.93
CA LEU B 94 12.98 -0.06 -21.34
C LEU B 94 13.49 -0.23 -19.92
N ARG B 95 12.62 -0.02 -18.93
CA ARG B 95 13.04 -0.09 -17.54
C ARG B 95 13.49 -1.51 -17.18
N GLN B 96 14.69 -1.60 -16.61
CA GLN B 96 15.27 -2.87 -16.21
C GLN B 96 15.38 -3.05 -14.70
N SER B 97 15.38 -1.96 -13.93
CA SER B 97 15.61 -2.06 -12.50
C SER B 97 15.04 -0.85 -11.79
N TYR B 98 14.99 -0.94 -10.47
CA TYR B 98 14.70 0.18 -9.57
C TYR B 98 15.88 0.31 -8.61
N ALA B 99 16.64 1.40 -8.72
CA ALA B 99 17.84 1.59 -7.93
C ALA B 99 17.62 2.46 -6.69
N GLY B 100 16.37 2.78 -6.37
CA GLY B 100 16.12 3.64 -5.22
C GLY B 100 16.57 2.98 -3.92
N THR B 101 17.17 3.79 -3.05
CA THR B 101 17.66 3.30 -1.77
C THR B 101 16.59 3.45 -0.68
N ALA B 102 16.77 2.70 0.39
CA ALA B 102 15.80 2.70 1.48
C ALA B 102 15.66 4.08 2.15
N PRO B 103 16.73 4.81 2.49
CA PRO B 103 16.52 6.13 3.10
C PRO B 103 15.83 7.13 2.18
N ASN B 104 15.84 6.91 0.88
CA ASN B 104 15.23 7.83 -0.07
C ASN B 104 13.84 7.41 -0.52
N CYS B 105 13.44 6.16 -0.26
CA CYS B 105 12.15 5.66 -0.71
C CYS B 105 11.21 5.28 0.42
N CYS B 106 11.74 4.95 1.60
CA CYS B 106 10.94 4.37 2.67
C CYS B 106 10.35 5.39 3.62
N ARG B 107 10.97 6.56 3.75
CA ARG B 107 10.52 7.59 4.67
C ARG B 107 9.52 8.56 4.03
N THR B 108 8.84 8.11 2.99
CA THR B 108 7.80 8.89 2.32
C THR B 108 6.90 7.93 1.56
N PHE B 109 5.62 8.27 1.48
CA PHE B 109 4.65 7.47 0.74
C PHE B 109 4.25 8.11 -0.58
N GLN B 110 4.81 9.27 -0.93
CA GLN B 110 4.39 10.01 -2.11
C GLN B 110 5.46 10.13 -3.18
N ARG B 111 6.73 10.15 -2.80
CA ARG B 111 7.82 10.25 -3.76
C ARG B 111 8.08 8.91 -4.42
N THR B 112 7.85 8.83 -5.73
CA THR B 112 8.13 7.64 -6.51
C THR B 112 9.52 7.63 -7.13
N HIS B 113 10.19 8.78 -7.17
CA HIS B 113 11.51 8.86 -7.80
C HIS B 113 12.18 10.15 -7.35
N TYR B 114 13.48 10.25 -7.64
CA TYR B 114 14.24 11.44 -7.32
C TYR B 114 15.40 11.56 -8.31
N TRP B 115 16.04 12.71 -8.30
CA TRP B 115 17.11 13.04 -9.23
C TRP B 115 18.39 13.33 -8.45
N LYS B 116 19.49 12.73 -8.89
CA LYS B 116 20.79 12.87 -8.24
C LYS B 116 21.68 13.74 -9.11
N LYS B 117 22.21 14.82 -8.54
CA LYS B 117 23.15 15.67 -9.25
C LYS B 117 24.10 16.32 -8.25
N ASP B 118 25.40 16.18 -8.51
CA ASP B 118 26.44 16.85 -7.72
C ASP B 118 26.36 16.45 -6.25
N GLY B 119 25.98 15.20 -5.99
CA GLY B 119 25.84 14.70 -4.64
C GLY B 119 24.59 15.14 -3.91
N LYS B 120 23.71 15.89 -4.55
CA LYS B 120 22.48 16.34 -3.94
C LYS B 120 21.30 15.57 -4.54
N ILE B 121 20.22 15.46 -3.75
CA ILE B 121 19.02 14.75 -4.16
C ILE B 121 17.89 15.75 -4.27
N SER B 122 17.19 15.72 -5.41
CA SER B 122 16.13 16.68 -5.71
C SER B 122 14.87 15.93 -6.14
N ASP B 123 13.72 16.58 -5.91
CA ASP B 123 12.45 16.04 -6.38
C ASP B 123 12.22 16.35 -7.86
N LYS B 124 12.68 17.51 -8.32
CA LYS B 124 12.45 17.96 -9.69
C LYS B 124 13.66 17.59 -10.56
N TYR B 125 13.39 17.46 -11.86
CA TYR B 125 14.44 17.16 -12.82
C TYR B 125 15.28 18.40 -13.10
N GLU B 126 16.56 18.17 -13.39
CA GLU B 126 17.47 19.22 -13.81
C GLU B 126 18.46 18.59 -14.78
N GLU B 127 18.84 19.34 -15.81
CA GLU B 127 19.74 18.78 -16.82
C GLU B 127 21.07 18.39 -16.16
N GLY B 128 21.55 17.19 -16.47
CA GLY B 128 22.72 16.64 -15.83
C GLY B 128 22.43 15.78 -14.63
N ALA B 129 21.17 15.58 -14.26
CA ALA B 129 20.82 14.74 -13.12
C ALA B 129 20.58 13.30 -13.56
N VAL B 130 20.55 12.40 -12.58
CA VAL B 130 20.42 10.97 -12.80
C VAL B 130 19.12 10.51 -12.15
N LEU B 131 18.26 9.88 -12.94
CA LEU B 131 16.99 9.39 -12.40
C LEU B 131 17.23 8.16 -11.53
N GLU B 132 16.55 8.12 -10.39
CA GLU B 132 16.53 6.95 -9.53
C GLU B 132 15.11 6.79 -9.01
N SER B 133 14.57 5.58 -9.15
CA SER B 133 13.15 5.33 -8.92
C SER B 133 12.95 4.30 -7.82
N CYS B 134 11.80 4.39 -7.16
CA CYS B 134 11.43 3.49 -6.08
C CYS B 134 10.48 2.41 -6.60
N TRP B 135 10.58 1.23 -6.01
CA TRP B 135 9.65 0.16 -6.33
C TRP B 135 8.23 0.59 -6.02
N PRO B 136 7.27 0.38 -6.93
CA PRO B 136 5.87 0.74 -6.62
C PRO B 136 5.31 -0.03 -5.44
N ASP B 137 5.85 -1.21 -5.14
CA ASP B 137 5.38 -2.04 -4.05
C ASP B 137 6.28 -1.95 -2.83
N VAL B 138 7.04 -0.87 -2.69
CA VAL B 138 8.01 -0.77 -1.61
C VAL B 138 7.34 -0.69 -0.24
N HIS B 139 6.08 -0.24 -0.20
CA HIS B 139 5.32 -0.21 1.04
C HIS B 139 4.18 -1.21 1.06
N ASP B 140 4.05 -2.02 0.01
CA ASP B 140 3.17 -3.18 0.02
C ASP B 140 3.91 -4.46 0.38
N THR B 141 5.22 -4.40 0.55
CA THR B 141 6.02 -5.56 0.92
C THR B 141 6.80 -5.18 2.18
N GLY B 142 7.80 -6.02 2.52
CA GLY B 142 8.64 -5.71 3.65
C GLY B 142 9.97 -5.08 3.27
N LYS B 143 10.06 -4.50 2.06
CA LYS B 143 11.31 -3.91 1.61
C LYS B 143 11.74 -2.70 2.42
N CYS B 144 10.88 -2.17 3.28
CA CYS B 144 11.20 -1.00 4.09
C CYS B 144 11.18 -1.29 5.59
N ASP B 145 10.97 -2.55 6.00
CA ASP B 145 10.82 -2.84 7.41
C ASP B 145 12.13 -2.63 8.17
N VAL B 146 13.27 -2.96 7.56
CA VAL B 146 14.54 -2.85 8.27
C VAL B 146 14.92 -1.38 8.45
N ASP B 147 14.80 -0.58 7.39
CA ASP B 147 15.16 0.83 7.49
C ASP B 147 14.23 1.58 8.44
N LEU B 148 12.92 1.32 8.35
CA LEU B 148 11.98 2.04 9.19
C LEU B 148 11.94 1.53 10.62
N PHE B 149 12.40 0.29 10.87
CA PHE B 149 12.50 -0.17 12.25
C PHE B 149 13.53 0.66 13.03
N ASP B 150 14.63 1.05 12.38
CA ASP B 150 15.62 1.88 13.02
C ASP B 150 15.23 3.36 12.98
N TRP B 151 14.73 3.83 11.84
CA TRP B 151 14.43 5.25 11.67
C TRP B 151 13.29 5.69 12.59
N CYS B 152 12.33 4.81 12.85
CA CYS B 152 11.21 5.15 13.71
C CYS B 152 11.54 5.05 15.19
N GLN B 153 12.78 4.75 15.55
CA GLN B 153 13.24 4.79 16.92
C GLN B 153 14.04 6.06 17.15
N GLY B 154 13.81 6.71 18.29
CA GLY B 154 14.63 7.84 18.68
C GLY B 154 14.20 9.14 18.02
N ASP B 155 15.20 10.00 17.76
CA ASP B 155 14.94 11.38 17.40
C ASP B 155 14.40 11.52 15.97
N THR B 156 14.58 10.52 15.11
CA THR B 156 14.10 10.58 13.74
C THR B 156 12.66 10.13 13.59
N PHE B 157 11.96 9.88 14.71
CA PHE B 157 10.57 9.42 14.67
C PHE B 157 9.66 10.45 14.01
N ASP B 158 9.12 10.12 12.85
CA ASP B 158 8.05 10.88 12.22
C ASP B 158 6.73 10.17 12.52
N ARG B 159 5.84 10.84 13.26
CA ARG B 159 4.62 10.18 13.72
C ARG B 159 3.75 9.75 12.55
N ASN B 160 3.56 10.63 11.56
CA ASN B 160 2.74 10.27 10.39
C ASN B 160 3.31 9.05 9.68
N ILE B 161 4.57 9.13 9.25
CA ILE B 161 5.16 8.09 8.42
C ILE B 161 5.23 6.76 9.18
N CYS B 162 5.57 6.82 10.47
CA CYS B 162 5.80 5.59 11.22
C CYS B 162 4.49 4.91 11.59
N HIS B 163 3.48 5.67 11.99
CA HIS B 163 2.17 5.07 12.24
C HIS B 163 1.59 4.45 10.97
N GLN B 164 1.73 5.14 9.84
CA GLN B 164 1.23 4.60 8.58
C GLN B 164 2.03 3.38 8.13
N TRP B 165 3.31 3.31 8.49
CA TRP B 165 4.10 2.13 8.18
C TRP B 165 3.64 0.92 8.99
N ILE B 166 3.51 1.09 10.30
CA ILE B 166 3.06 -0.02 11.15
C ILE B 166 1.64 -0.43 10.79
N GLY B 167 0.77 0.54 10.54
CA GLY B 167 -0.60 0.22 10.18
C GLY B 167 -0.70 -0.53 8.86
N SER B 168 0.06 -0.10 7.86
CA SER B 168 0.02 -0.77 6.57
C SER B 168 0.56 -2.19 6.63
N ALA B 169 1.39 -2.49 7.64
CA ALA B 169 1.89 -3.85 7.80
C ALA B 169 0.77 -4.82 8.10
N PHE B 170 -0.23 -4.39 8.88
CA PHE B 170 -1.34 -5.27 9.22
C PHE B 170 -2.23 -5.58 8.03
N ASN B 171 -2.25 -4.72 7.02
CA ASN B 171 -2.96 -4.98 5.76
C ASN B 171 -1.94 -4.96 4.63
N ARG B 172 -1.02 -5.92 4.66
CA ARG B 172 0.04 -5.99 3.66
C ARG B 172 -0.50 -6.64 2.40
N ALA B 173 -0.50 -5.88 1.29
CA ALA B 173 -1.02 -6.36 0.03
C ALA B 173 -0.26 -7.57 -0.50
N ASP B 174 1.01 -7.74 -0.09
CA ASP B 174 1.81 -8.89 -0.52
C ASP B 174 1.39 -10.11 0.28
N ARG B 175 0.27 -10.70 -0.13
CA ARG B 175 -0.16 -11.96 0.46
C ARG B 175 0.69 -13.15 0.01
N THR B 176 1.66 -12.92 -0.89
CA THR B 176 2.70 -13.89 -1.17
C THR B 176 3.33 -14.36 0.14
N VAL B 177 3.68 -15.65 0.20
CA VAL B 177 4.16 -16.25 1.44
C VAL B 177 5.47 -15.63 1.91
N GLU B 178 6.17 -14.88 1.06
CA GLU B 178 7.31 -14.08 1.50
C GLU B 178 6.88 -12.74 2.08
N GLY B 179 5.81 -12.15 1.56
CA GLY B 179 5.26 -10.95 2.18
C GLY B 179 4.75 -11.22 3.58
N GLN B 180 4.20 -12.41 3.81
CA GLN B 180 3.78 -12.78 5.16
C GLN B 180 4.98 -13.04 6.05
N GLN B 181 5.99 -13.74 5.52
CA GLN B 181 7.16 -14.06 6.33
C GLN B 181 7.86 -12.79 6.79
N SER B 182 7.89 -11.76 5.94
CA SER B 182 8.42 -10.47 6.37
C SER B 182 7.56 -9.87 7.48
N LEU B 183 6.25 -10.08 7.41
CA LEU B 183 5.36 -9.61 8.46
C LEU B 183 5.63 -10.33 9.79
N ILE B 184 5.85 -11.64 9.74
CA ILE B 184 6.17 -12.39 10.96
C ILE B 184 7.49 -11.91 11.53
N ASN B 185 8.47 -11.63 10.68
CA ASN B 185 9.77 -11.16 11.16
C ASN B 185 9.64 -9.79 11.83
N LEU B 186 8.81 -8.90 11.28
CA LEU B 186 8.64 -7.58 11.90
C LEU B 186 7.94 -7.69 13.24
N TYR B 187 6.94 -8.58 13.36
CA TYR B 187 6.24 -8.72 14.63
C TYR B 187 7.17 -9.25 15.72
N ASN B 188 8.10 -10.14 15.36
CA ASN B 188 9.06 -10.64 16.34
C ASN B 188 10.02 -9.55 16.79
N LYS B 189 10.46 -8.70 15.85
CA LYS B 189 11.36 -7.61 16.22
C LYS B 189 10.63 -6.58 17.08
N MET B 190 9.40 -6.24 16.72
CA MET B 190 8.61 -5.32 17.54
C MET B 190 8.30 -5.90 18.91
N GLN B 191 8.09 -7.22 18.99
CA GLN B 191 7.81 -7.84 20.28
C GLN B 191 9.04 -7.76 21.19
N THR B 192 10.23 -8.05 20.66
CA THR B 192 11.44 -7.93 21.45
C THR B 192 11.70 -6.48 21.84
N LEU B 193 11.51 -5.55 20.91
CA LEU B 193 11.77 -4.14 21.19
C LEU B 193 10.81 -3.61 22.25
N CYS B 194 9.51 -3.85 22.06
CA CYS B 194 8.51 -3.26 22.95
C CYS B 194 8.43 -3.96 24.30
N SER B 195 8.97 -5.17 24.42
CA SER B 195 9.08 -5.79 25.74
C SER B 195 10.04 -5.03 26.63
N LYS B 196 11.04 -4.37 26.05
CA LYS B 196 11.96 -3.58 26.86
C LYS B 196 11.29 -2.31 27.37
N ASP B 197 10.51 -1.64 26.51
CA ASP B 197 9.83 -0.40 26.89
C ASP B 197 8.70 -0.16 25.90
N ALA B 198 7.46 -0.27 26.37
CA ALA B 198 6.30 -0.07 25.50
C ALA B 198 5.83 1.39 25.47
N SER B 199 6.54 2.30 26.14
CA SER B 199 6.12 3.70 26.15
C SER B 199 6.64 4.48 24.95
N VAL B 200 7.70 4.02 24.31
CA VAL B 200 8.29 4.71 23.17
C VAL B 200 7.23 4.79 22.07
N PRO B 201 7.25 5.85 21.25
CA PRO B 201 6.10 6.11 20.36
C PRO B 201 5.84 5.03 19.32
N ILE B 202 6.88 4.38 18.79
CA ILE B 202 6.62 3.36 17.78
C ILE B 202 6.03 2.11 18.43
N CYS B 203 6.31 1.88 19.71
CA CYS B 203 5.73 0.72 20.38
C CYS B 203 4.28 0.97 20.78
N GLU B 204 3.95 2.20 21.18
CA GLU B 204 2.56 2.52 21.45
C GLU B 204 1.73 2.43 20.18
N SER B 205 2.31 2.82 19.05
CA SER B 205 1.62 2.67 17.77
C SER B 205 1.42 1.19 17.44
N PHE B 206 2.42 0.36 17.74
CA PHE B 206 2.29 -1.08 17.49
C PHE B 206 1.23 -1.69 18.39
N LEU B 207 1.21 -1.32 19.67
CA LEU B 207 0.18 -1.84 20.57
C LEU B 207 -1.22 -1.45 20.10
N HIS B 208 -1.38 -0.22 19.61
CA HIS B 208 -2.70 0.23 19.17
C HIS B 208 -3.15 -0.53 17.93
N HIS B 209 -2.26 -0.74 16.97
CA HIS B 209 -2.64 -1.46 15.76
C HIS B 209 -2.89 -2.94 16.06
N LEU B 210 -2.22 -3.51 17.05
CA LEU B 210 -2.57 -4.85 17.50
C LEU B 210 -3.98 -4.88 18.05
N ARG B 211 -4.36 -3.84 18.80
CA ARG B 211 -5.71 -3.77 19.33
C ARG B 211 -6.76 -3.67 18.23
N ALA B 212 -6.48 -2.85 17.20
CA ALA B 212 -7.44 -2.70 16.11
C ALA B 212 -7.52 -3.93 15.23
N HIS B 213 -6.48 -4.77 15.22
CA HIS B 213 -6.53 -5.99 14.43
C HIS B 213 -7.53 -6.98 15.02
N ASN B 214 -7.58 -7.06 16.36
CA ASN B 214 -8.64 -7.76 17.08
C ASN B 214 -8.68 -9.25 16.74
N THR B 215 -7.52 -9.87 16.75
CA THR B 215 -7.38 -11.31 16.58
C THR B 215 -6.85 -11.93 17.87
N GLU B 216 -6.92 -13.26 17.93
CA GLU B 216 -6.38 -13.96 19.09
C GLU B 216 -4.86 -13.86 19.14
N ASP B 217 -4.20 -13.76 17.99
CA ASP B 217 -2.75 -13.60 17.99
C ASP B 217 -2.34 -12.20 18.44
N SER B 218 -3.03 -11.17 17.95
CA SER B 218 -2.67 -9.81 18.30
C SER B 218 -2.94 -9.51 19.77
N LYS B 219 -4.08 -9.99 20.29
CA LYS B 219 -4.36 -9.83 21.71
C LYS B 219 -3.34 -10.59 22.56
N GLU B 220 -2.94 -11.78 22.10
CA GLU B 220 -1.89 -12.53 22.78
C GLU B 220 -0.60 -11.72 22.86
N MET B 221 -0.23 -11.07 21.75
CA MET B 221 1.00 -10.29 21.76
C MET B 221 0.88 -9.05 22.64
N ILE B 222 -0.32 -8.45 22.71
CA ILE B 222 -0.53 -7.29 23.57
C ILE B 222 -0.26 -7.65 25.02
N ASP B 223 -0.89 -8.72 25.51
CA ASP B 223 -0.70 -9.14 26.89
C ASP B 223 0.74 -9.55 27.15
N TYR B 224 1.40 -10.17 26.17
CA TYR B 224 2.80 -10.55 26.34
C TYR B 224 3.67 -9.32 26.55
N ILE B 225 3.53 -8.32 25.69
CA ILE B 225 4.36 -7.12 25.77
C ILE B 225 4.09 -6.37 27.07
N LEU B 226 2.82 -6.25 27.46
CA LEU B 226 2.47 -5.47 28.65
C LEU B 226 2.92 -6.17 29.93
N ARG B 227 2.87 -7.50 29.98
CA ARG B 227 3.28 -8.20 31.19
C ARG B 227 4.80 -8.22 31.36
N GLN B 228 5.55 -7.97 30.30
CA GLN B 228 7.00 -7.93 30.37
C GLN B 228 7.53 -6.59 30.84
N GLN B 229 6.67 -5.59 31.03
CA GLN B 229 7.14 -4.26 31.39
C GLN B 229 7.68 -4.24 32.81
N SER B 230 8.47 -3.20 33.10
CA SER B 230 9.09 -3.06 34.40
C SER B 230 8.04 -2.72 35.46
N ALA B 231 8.46 -2.80 36.72
CA ALA B 231 7.58 -2.38 37.81
C ALA B 231 7.25 -0.90 37.72
N ASP B 232 8.19 -0.09 37.25
CA ASP B 232 7.94 1.34 37.12
C ASP B 232 6.92 1.63 36.03
N PHE B 233 6.98 0.88 34.92
CA PHE B 233 5.99 1.06 33.86
C PHE B 233 4.60 0.66 34.35
N LYS B 234 4.50 -0.46 35.06
CA LYS B 234 3.20 -0.93 35.53
C LYS B 234 2.64 0.00 36.60
N GLN B 235 3.51 0.53 37.48
CA GLN B 235 3.08 1.50 38.48
C GLN B 235 2.54 2.76 37.82
N LYS B 236 3.15 3.18 36.71
CA LYS B 236 2.81 4.46 36.09
C LYS B 236 1.62 4.34 35.15
N TYR B 237 1.61 3.32 34.29
CA TYR B 237 0.64 3.24 33.21
C TYR B 237 -0.40 2.15 33.38
N MET B 238 -0.14 1.11 34.17
CA MET B 238 -0.98 -0.07 34.19
C MET B 238 -1.67 -0.28 35.53
N ARG B 239 -2.04 0.81 36.21
CA ARG B 239 -2.70 0.65 37.50
C ARG B 239 -4.15 0.18 37.35
N CYS B 240 -4.76 0.36 36.19
CA CYS B 240 -6.05 -0.25 35.93
C CYS B 240 -5.93 -1.77 35.81
N SER B 241 -4.79 -2.25 35.31
CA SER B 241 -4.55 -3.68 35.22
C SER B 241 -4.12 -4.29 36.55
N TYR B 242 -3.39 -3.53 37.36
CA TYR B 242 -2.87 -4.00 38.65
C TYR B 242 -3.39 -3.07 39.74
N PRO B 243 -4.59 -3.31 40.24
CA PRO B 243 -5.12 -2.47 41.31
C PRO B 243 -4.46 -2.77 42.65
N THR B 244 -4.57 -1.81 43.57
CA THR B 244 -4.04 -2.01 44.91
C THR B 244 -4.93 -3.00 45.67
N ARG B 245 -4.44 -3.39 46.86
CA ARG B 245 -5.18 -4.32 47.70
C ARG B 245 -6.54 -3.75 48.09
N ASP B 246 -6.57 -2.50 48.53
CA ASP B 246 -7.81 -1.90 48.98
C ASP B 246 -8.76 -1.63 47.82
N LYS B 247 -8.23 -1.31 46.64
CA LYS B 247 -9.08 -1.10 45.48
C LYS B 247 -9.74 -2.40 45.05
N LEU B 248 -8.99 -3.51 45.08
CA LEU B 248 -9.54 -4.79 44.65
C LEU B 248 -10.59 -5.31 45.64
N GLU B 249 -10.32 -5.18 46.94
CA GLU B 249 -11.29 -5.60 47.95
C GLU B 249 -12.55 -4.75 47.89
N GLU B 250 -12.41 -3.46 47.61
CA GLU B 250 -13.57 -2.58 47.56
C GLU B 250 -14.47 -2.92 46.38
N SER B 251 -13.88 -3.32 45.24
CA SER B 251 -14.66 -3.58 44.05
C SER B 251 -15.55 -4.81 44.18
N LEU B 252 -15.30 -5.67 45.16
CA LEU B 252 -16.13 -6.85 45.35
C LEU B 252 -17.52 -6.51 45.87
N LYS B 253 -17.71 -5.29 46.39
CA LYS B 253 -19.01 -4.86 46.88
C LYS B 253 -19.95 -4.39 45.77
N TYR B 254 -19.49 -4.37 44.52
CA TYR B 254 -20.30 -3.90 43.40
C TYR B 254 -20.43 -5.01 42.37
N ALA B 255 -21.62 -5.11 41.77
CA ALA B 255 -21.88 -6.19 40.83
C ALA B 255 -21.15 -5.98 39.51
N GLU B 256 -21.03 -4.73 39.07
CA GLU B 256 -20.38 -4.42 37.81
C GLU B 256 -18.87 -4.66 37.91
N PRO B 257 -18.20 -4.84 36.77
CA PRO B 257 -16.74 -4.94 36.79
C PRO B 257 -16.09 -3.68 37.35
N ARG B 258 -14.92 -3.86 37.96
CA ARG B 258 -14.19 -2.74 38.55
C ARG B 258 -13.87 -1.67 37.51
N GLU B 259 -13.55 -2.08 36.28
CA GLU B 259 -13.14 -1.14 35.25
C GLU B 259 -14.23 -0.14 34.90
N CYS B 260 -15.48 -0.41 35.27
CA CYS B 260 -16.58 0.48 34.90
C CYS B 260 -16.72 1.68 35.81
N TRP B 261 -16.12 1.64 37.01
CA TRP B 261 -16.15 2.77 37.92
C TRP B 261 -14.78 3.21 38.41
N ASP B 262 -13.75 2.39 38.25
CA ASP B 262 -12.43 2.70 38.80
C ASP B 262 -11.85 3.93 38.11
N PRO B 263 -11.51 4.98 38.85
CA PRO B 263 -10.88 6.15 38.21
C PRO B 263 -9.56 5.82 37.52
N GLU B 264 -8.85 4.79 37.98
CA GLU B 264 -7.62 4.39 37.31
C GLU B 264 -7.88 3.83 35.91
N CYS B 265 -9.09 3.34 35.65
CA CYS B 265 -9.41 2.81 34.33
C CYS B 265 -10.03 3.87 33.41
N SER B 266 -10.70 4.86 33.98
CA SER B 266 -11.14 6.00 33.19
C SER B 266 -10.02 6.97 32.89
N ASN B 267 -8.88 6.87 33.60
CA ASN B 267 -7.71 7.68 33.33
C ASN B 267 -6.58 6.91 32.65
N ALA B 268 -6.81 5.66 32.26
CA ALA B 268 -5.73 4.85 31.73
C ALA B 268 -5.55 5.07 30.24
N ASN B 269 -4.30 4.97 29.79
CA ASN B 269 -4.00 4.91 28.37
C ASN B 269 -4.50 3.58 27.82
N VAL B 270 -5.45 3.64 26.88
CA VAL B 270 -6.08 2.43 26.37
C VAL B 270 -5.09 1.51 25.67
N ASN B 271 -3.94 2.03 25.23
CA ASN B 271 -2.93 1.18 24.60
C ASN B 271 -2.18 0.33 25.60
N PHE B 272 -2.24 0.66 26.89
CA PHE B 272 -1.51 -0.07 27.92
C PHE B 272 -2.44 -0.90 28.80
N LEU B 273 -3.66 -1.13 28.35
CA LEU B 273 -4.61 -1.99 29.06
C LEU B 273 -4.40 -3.43 28.64
N LEU B 274 -4.39 -4.33 29.61
CA LEU B 274 -4.45 -5.75 29.29
C LEU B 274 -5.76 -6.06 28.58
N THR B 275 -5.72 -7.08 27.71
CA THR B 275 -6.89 -7.43 26.89
C THR B 275 -8.13 -7.64 27.76
N ARG B 276 -7.96 -8.28 28.91
CA ARG B 276 -9.10 -8.51 29.80
C ARG B 276 -9.71 -7.19 30.27
N ASN B 277 -8.87 -6.24 30.67
CA ASN B 277 -9.38 -4.95 31.11
C ASN B 277 -10.02 -4.18 29.96
N TYR B 278 -9.44 -4.29 28.77
CA TYR B 278 -10.00 -3.60 27.61
C TYR B 278 -11.38 -4.15 27.26
N ASN B 279 -11.56 -5.47 27.34
CA ASN B 279 -12.86 -6.05 27.05
C ASN B 279 -13.87 -5.70 28.14
N ASN B 280 -13.43 -5.68 29.39
CA ASN B 280 -14.34 -5.36 30.50
C ASN B 280 -14.80 -3.90 30.47
N LEU B 281 -14.06 -3.02 29.78
CA LEU B 281 -14.50 -1.64 29.63
C LEU B 281 -15.73 -1.51 28.75
N GLY B 282 -15.98 -2.47 27.86
CA GLY B 282 -17.13 -2.39 26.99
C GLY B 282 -18.34 -3.14 27.52
N LEU B 283 -18.39 -3.35 28.83
CA LEU B 283 -19.47 -4.11 29.47
C LEU B 283 -20.14 -3.26 30.55
N CYS B 284 -20.06 -1.95 30.42
CA CYS B 284 -20.40 -1.04 31.51
C CYS B 284 -21.85 -0.57 31.48
N ASN B 285 -22.69 -1.17 30.61
CA ASN B 285 -24.11 -0.88 30.57
C ASN B 285 -24.42 0.61 30.54
N ILE B 286 -24.27 1.23 29.37
CA ILE B 286 -24.61 2.63 29.19
C ILE B 286 -26.12 2.79 29.15
N VAL B 287 -26.66 3.69 29.97
CA VAL B 287 -28.06 4.08 29.84
C VAL B 287 -28.18 4.98 28.61
N ARG B 288 -29.00 4.56 27.64
CA ARG B 288 -29.05 5.15 26.30
C ARG B 288 -28.88 6.66 26.31
N GLY B 289 -27.72 7.12 25.84
CA GLY B 289 -27.25 8.47 26.07
C GLY B 289 -25.86 8.43 26.69
N SER B 290 -25.72 9.00 27.89
CA SER B 290 -24.46 8.97 28.64
C SER B 290 -24.68 8.16 29.91
N GLY B 291 -24.05 6.99 29.97
CA GLY B 291 -24.26 6.08 31.08
C GLY B 291 -23.03 5.81 31.92
N LEU B 292 -21.86 6.18 31.40
CA LEU B 292 -20.58 6.03 32.09
C LEU B 292 -20.31 4.58 32.48
N GLY C 2 -29.62 -21.76 56.81
CA GLY C 2 -28.51 -22.67 56.64
C GLY C 2 -28.45 -23.34 55.28
N GLU C 3 -27.49 -24.24 55.11
CA GLU C 3 -27.29 -24.98 53.86
C GLU C 3 -26.99 -24.04 52.69
N VAL C 4 -25.94 -23.25 52.86
CA VAL C 4 -25.30 -22.54 51.74
C VAL C 4 -23.86 -23.05 51.72
N GLN C 5 -23.55 -23.93 50.79
CA GLN C 5 -22.30 -24.68 50.80
C GLN C 5 -21.36 -24.16 49.73
N LEU C 6 -20.14 -23.80 50.15
CA LEU C 6 -19.07 -23.32 49.27
C LEU C 6 -17.78 -24.07 49.59
N GLN C 7 -17.80 -25.39 49.47
CA GLN C 7 -16.65 -26.21 49.81
C GLN C 7 -15.57 -26.10 48.74
N ALA C 8 -14.35 -25.79 49.18
CA ALA C 8 -13.20 -25.69 48.29
C ALA C 8 -12.39 -26.98 48.34
N SER C 9 -11.93 -27.44 47.16
CA SER C 9 -11.15 -28.65 47.05
C SER C 9 -10.05 -28.42 46.02
N GLY C 10 -9.37 -29.50 45.63
CA GLY C 10 -8.34 -29.42 44.61
C GLY C 10 -6.98 -28.98 45.10
N GLY C 11 -6.78 -28.84 46.41
CA GLY C 11 -5.50 -28.46 46.95
C GLY C 11 -4.48 -29.59 46.89
N GLY C 12 -3.31 -29.32 47.45
CA GLY C 12 -2.25 -30.30 47.45
C GLY C 12 -0.90 -29.66 47.65
N LEU C 13 0.11 -30.52 47.64
CA LEU C 13 1.51 -30.11 47.82
C LEU C 13 2.26 -30.36 46.51
N VAL C 14 2.77 -29.29 45.90
CA VAL C 14 3.50 -29.38 44.65
C VAL C 14 4.81 -28.61 44.79
N GLN C 15 5.76 -28.97 43.94
CA GLN C 15 7.03 -28.25 43.88
C GLN C 15 6.81 -26.91 43.17
N PRO C 16 7.64 -25.90 43.46
CA PRO C 16 7.56 -24.64 42.72
C PRO C 16 7.58 -24.88 41.21
N GLY C 17 6.66 -24.21 40.51
CA GLY C 17 6.52 -24.35 39.07
C GLY C 17 5.46 -25.33 38.63
N GLY C 18 4.83 -26.05 39.56
CA GLY C 18 3.86 -27.06 39.21
C GLY C 18 2.52 -26.51 38.75
N SER C 19 1.44 -27.22 39.04
CA SER C 19 0.12 -26.77 38.64
C SER C 19 -0.93 -27.39 39.54
N LEU C 20 -2.00 -26.64 39.78
CA LEU C 20 -3.14 -27.08 40.58
C LEU C 20 -4.40 -26.45 40.03
N ARG C 21 -5.50 -27.17 40.11
CA ARG C 21 -6.81 -26.66 39.69
C ARG C 21 -7.76 -26.77 40.88
N LEU C 22 -7.95 -25.66 41.58
CA LEU C 22 -8.90 -25.61 42.68
C LEU C 22 -10.32 -25.68 42.16
N SER C 23 -11.23 -26.16 43.01
CA SER C 23 -12.63 -26.30 42.64
C SER C 23 -13.52 -25.87 43.80
N CYS C 24 -14.73 -25.43 43.46
CA CYS C 24 -15.68 -24.99 44.48
C CYS C 24 -17.08 -25.08 43.87
N ALA C 25 -17.77 -26.19 44.14
CA ALA C 25 -19.13 -26.42 43.64
C ALA C 25 -20.12 -25.82 44.62
N ALA C 26 -20.78 -24.74 44.22
CA ALA C 26 -21.65 -24.00 45.12
C ALA C 26 -23.04 -24.63 45.18
N SER C 27 -23.67 -24.48 46.34
CA SER C 27 -25.03 -24.94 46.55
C SER C 27 -25.75 -23.94 47.43
N GLY C 28 -27.03 -23.70 47.13
CA GLY C 28 -27.79 -22.64 47.76
C GLY C 28 -27.56 -21.27 47.16
N ILE C 29 -26.63 -21.14 46.21
CA ILE C 29 -26.26 -19.87 45.59
C ILE C 29 -26.17 -20.10 44.09
N VAL C 30 -26.68 -19.17 43.30
CA VAL C 30 -26.66 -19.25 41.84
C VAL C 30 -25.65 -18.24 41.31
N PHE C 31 -24.80 -18.70 40.38
CA PHE C 31 -23.71 -17.85 39.89
C PHE C 31 -24.22 -16.68 39.07
N SER C 32 -25.38 -16.80 38.44
CA SER C 32 -25.88 -15.76 37.55
C SER C 32 -26.51 -14.61 38.33
N ASN C 33 -25.99 -14.34 39.52
CA ASN C 33 -26.66 -13.44 40.45
C ASN C 33 -25.71 -13.11 41.59
N ASN C 34 -24.56 -13.81 41.63
CA ASN C 34 -23.55 -13.60 42.66
C ASN C 34 -22.18 -13.42 42.03
N ARG C 35 -21.35 -12.63 42.70
CA ARG C 35 -19.93 -12.50 42.38
C ARG C 35 -19.13 -13.49 43.21
N MET C 36 -18.36 -14.33 42.53
CA MET C 36 -17.55 -15.36 43.18
C MET C 36 -16.10 -14.90 43.26
N SER C 37 -15.50 -15.00 44.44
CA SER C 37 -14.14 -14.54 44.67
C SER C 37 -13.34 -15.63 45.36
N TRP C 38 -12.11 -15.84 44.90
CA TRP C 38 -11.19 -16.78 45.52
C TRP C 38 -10.27 -16.03 46.46
N TYR C 39 -10.33 -16.36 47.75
CA TYR C 39 -9.46 -15.79 48.76
C TYR C 39 -8.36 -16.76 49.12
N ARG C 40 -7.34 -16.24 49.83
CA ARG C 40 -6.31 -17.06 50.43
C ARG C 40 -5.82 -16.37 51.69
N GLN C 41 -5.33 -17.17 52.64
CA GLN C 41 -4.87 -16.65 53.92
C GLN C 41 -3.63 -17.43 54.34
N ALA C 42 -2.48 -16.77 54.37
CA ALA C 42 -1.26 -17.42 54.79
C ALA C 42 -1.26 -17.58 56.31
N PRO C 43 -0.54 -18.57 56.84
CA PRO C 43 -0.51 -18.78 58.29
C PRO C 43 0.01 -17.55 59.02
N GLY C 44 -0.82 -17.00 59.90
CA GLY C 44 -0.44 -15.81 60.64
C GLY C 44 -0.52 -14.53 59.81
N LYS C 45 -1.54 -14.41 58.96
CA LYS C 45 -1.68 -13.25 58.10
C LYS C 45 -3.16 -13.05 57.80
N GLN C 46 -3.49 -11.85 57.33
CA GLN C 46 -4.86 -11.57 56.93
C GLN C 46 -5.17 -12.17 55.57
N ARG C 47 -6.46 -12.42 55.34
CA ARG C 47 -6.91 -12.97 54.08
C ARG C 47 -6.91 -11.90 53.00
N GLU C 48 -6.66 -12.33 51.76
CA GLU C 48 -6.62 -11.42 50.63
C GLU C 48 -7.30 -12.07 49.44
N VAL C 49 -7.98 -11.26 48.63
CA VAL C 49 -8.62 -11.75 47.42
C VAL C 49 -7.56 -11.97 46.35
N VAL C 50 -7.62 -13.12 45.68
CA VAL C 50 -6.67 -13.48 44.62
C VAL C 50 -7.31 -13.38 43.24
N ALA C 51 -8.54 -13.84 43.10
CA ALA C 51 -9.26 -13.76 41.85
C ALA C 51 -10.74 -13.50 42.13
N THR C 52 -11.46 -13.08 41.11
CA THR C 52 -12.89 -12.83 41.24
C THR C 52 -13.52 -12.85 39.87
N ILE C 53 -14.80 -13.22 39.82
CA ILE C 53 -15.58 -13.26 38.58
C ILE C 53 -16.97 -12.75 38.88
N THR C 54 -17.44 -11.79 38.08
CA THR C 54 -18.74 -11.17 38.32
C THR C 54 -19.86 -12.09 37.87
N SER C 55 -21.09 -11.69 38.21
CA SER C 55 -22.27 -12.43 37.74
C SER C 55 -22.41 -12.38 36.22
N GLY C 56 -21.67 -11.51 35.54
CA GLY C 56 -21.69 -11.46 34.09
C GLY C 56 -20.56 -12.23 33.45
N GLY C 57 -19.52 -12.55 34.23
CA GLY C 57 -18.39 -13.30 33.74
C GLY C 57 -17.10 -12.53 33.64
N ALA C 58 -17.10 -11.22 33.91
CA ALA C 58 -15.87 -10.45 33.86
C ALA C 58 -14.98 -10.80 35.03
N THR C 59 -13.71 -11.10 34.74
CA THR C 59 -12.77 -11.54 35.76
C THR C 59 -11.83 -10.41 36.15
N ASP C 60 -11.10 -10.63 37.24
CA ASP C 60 -10.14 -9.68 37.79
C ASP C 60 -9.28 -10.41 38.80
N TYR C 61 -8.02 -10.01 38.90
CA TYR C 61 -7.04 -10.73 39.69
C TYR C 61 -6.22 -9.77 40.53
N GLN C 62 -5.55 -10.33 41.53
CA GLN C 62 -4.50 -9.62 42.25
C GLN C 62 -3.23 -9.59 41.42
N ASP C 63 -2.44 -8.53 41.58
CA ASP C 63 -1.31 -8.33 40.67
C ASP C 63 -0.25 -9.42 40.82
N SER C 64 -0.06 -9.96 42.03
CA SER C 64 1.00 -10.94 42.26
C SER C 64 0.68 -12.29 41.66
N VAL C 65 -0.57 -12.52 41.27
CA VAL C 65 -0.99 -13.77 40.65
C VAL C 65 -1.51 -13.58 39.23
N GLU C 66 -1.58 -12.34 38.74
CA GLU C 66 -2.11 -12.08 37.41
C GLU C 66 -1.26 -12.75 36.35
N GLY C 67 -1.92 -13.34 35.35
CA GLY C 67 -1.26 -14.10 34.33
C GLY C 67 -0.93 -15.53 34.71
N ARG C 68 -0.75 -15.80 36.00
CA ARG C 68 -0.47 -17.16 36.45
C ARG C 68 -1.75 -17.92 36.83
N PHE C 69 -2.69 -17.23 37.46
CA PHE C 69 -3.95 -17.83 37.87
C PHE C 69 -5.07 -17.41 36.93
N THR C 70 -6.07 -18.28 36.80
CA THR C 70 -7.23 -18.03 35.95
C THR C 70 -8.48 -18.53 36.67
N ILE C 71 -9.45 -17.65 36.86
CA ILE C 71 -10.72 -18.00 37.49
C ILE C 71 -11.78 -18.15 36.40
N SER C 72 -12.45 -19.30 36.40
CA SER C 72 -13.51 -19.59 35.45
C SER C 72 -14.72 -20.13 36.20
N ARG C 73 -15.82 -20.30 35.47
CA ARG C 73 -17.05 -20.79 36.08
C ARG C 73 -17.84 -21.60 35.06
N ASP C 74 -18.61 -22.55 35.57
CA ASP C 74 -19.53 -23.35 34.76
C ASP C 74 -20.93 -23.09 35.28
N MET C 75 -21.79 -22.50 34.43
CA MET C 75 -23.12 -22.13 34.89
C MET C 75 -23.99 -23.37 35.09
N ALA C 76 -23.86 -24.37 34.22
CA ALA C 76 -24.65 -25.59 34.36
C ALA C 76 -24.27 -26.33 35.64
N LYS C 77 -22.96 -26.53 35.85
CA LYS C 77 -22.47 -27.23 37.03
C LYS C 77 -22.46 -26.36 38.29
N ASN C 78 -22.67 -25.05 38.14
CA ASN C 78 -22.64 -24.10 39.26
C ASN C 78 -21.37 -24.28 40.09
N THR C 79 -20.23 -24.37 39.39
CA THR C 79 -18.94 -24.63 40.00
C THR C 79 -17.94 -23.61 39.47
N VAL C 80 -17.18 -23.00 40.39
CA VAL C 80 -16.17 -21.99 40.06
C VAL C 80 -14.79 -22.61 40.27
N TYR C 81 -13.88 -22.35 39.34
CA TYR C 81 -12.56 -22.95 39.34
C TYR C 81 -11.48 -21.89 39.49
N LEU C 82 -10.28 -22.34 39.89
CA LEU C 82 -9.11 -21.48 39.95
C LEU C 82 -7.91 -22.29 39.43
N GLN C 83 -7.60 -22.11 38.15
CA GLN C 83 -6.41 -22.74 37.57
C GLN C 83 -5.18 -21.99 38.03
N MET C 84 -4.27 -22.71 38.70
CA MET C 84 -3.08 -22.12 39.30
C MET C 84 -1.85 -22.68 38.58
N ASN C 85 -1.14 -21.80 37.86
CA ASN C 85 0.03 -22.19 37.10
C ASN C 85 1.26 -21.45 37.62
N SER C 86 2.41 -22.09 37.48
CA SER C 86 3.70 -21.55 37.91
C SER C 86 3.66 -21.15 39.38
N LEU C 87 3.34 -22.13 40.23
CA LEU C 87 3.18 -21.87 41.65
C LEU C 87 4.49 -21.43 42.27
N LYS C 88 4.46 -20.30 42.96
CA LYS C 88 5.60 -19.79 43.68
C LYS C 88 5.47 -20.12 45.16
N PRO C 89 6.59 -20.15 45.90
CA PRO C 89 6.50 -20.51 47.33
C PRO C 89 5.61 -19.57 48.13
N GLU C 90 5.50 -18.30 47.73
CA GLU C 90 4.64 -17.38 48.46
C GLU C 90 3.15 -17.61 48.19
N ASP C 91 2.81 -18.53 47.29
CA ASP C 91 1.41 -18.92 47.11
C ASP C 91 0.89 -19.79 48.24
N THR C 92 1.77 -20.31 49.09
CA THR C 92 1.38 -21.20 50.18
C THR C 92 0.40 -20.52 51.13
N ALA C 93 -0.85 -21.01 51.14
CA ALA C 93 -1.91 -20.47 51.98
C ALA C 93 -3.10 -21.41 51.87
N VAL C 94 -4.15 -21.11 52.62
CA VAL C 94 -5.41 -21.84 52.57
C VAL C 94 -6.37 -21.05 51.67
N TYR C 95 -6.77 -21.65 50.56
CA TYR C 95 -7.63 -20.99 49.58
C TYR C 95 -9.08 -21.41 49.80
N PHE C 96 -9.99 -20.44 49.76
CA PHE C 96 -11.39 -20.70 50.04
C PHE C 96 -12.28 -19.82 49.17
N CYS C 97 -13.52 -20.27 49.01
CA CYS C 97 -14.51 -19.64 48.14
C CYS C 97 -15.14 -18.43 48.84
N ASN C 98 -15.90 -17.66 48.06
CA ASN C 98 -16.62 -16.51 48.59
C ASN C 98 -17.70 -16.11 47.59
N ALA C 99 -18.92 -15.90 48.09
CA ALA C 99 -20.06 -15.54 47.26
C ALA C 99 -20.71 -14.28 47.82
N ARG C 100 -20.95 -13.31 46.94
CA ARG C 100 -21.56 -12.04 47.32
C ARG C 100 -22.72 -11.75 46.39
N ARG C 101 -23.88 -11.43 46.96
CA ARG C 101 -25.06 -11.11 46.16
C ARG C 101 -24.83 -9.82 45.38
N ASP C 102 -25.56 -9.70 44.26
CA ASP C 102 -25.37 -8.57 43.36
C ASP C 102 -25.66 -7.23 44.06
N ASN C 103 -26.90 -7.04 44.51
CA ASN C 103 -27.27 -5.81 45.19
C ASN C 103 -27.83 -6.06 46.58
N PHE C 104 -27.45 -7.17 47.21
CA PHE C 104 -27.86 -7.52 48.56
C PHE C 104 -26.59 -7.69 49.39
N ALA C 105 -26.19 -6.62 50.07
CA ALA C 105 -24.88 -6.59 50.72
C ALA C 105 -24.77 -7.62 51.84
N THR C 106 -25.86 -7.85 52.58
CA THR C 106 -25.79 -8.76 53.71
C THR C 106 -25.74 -10.23 53.31
N ALA C 107 -26.04 -10.55 52.05
CA ALA C 107 -26.07 -11.94 51.60
C ALA C 107 -24.69 -12.38 51.09
N ILE C 108 -23.71 -12.30 51.98
CA ILE C 108 -22.35 -12.73 51.70
C ILE C 108 -22.09 -14.03 52.45
N TYR C 109 -21.36 -14.94 51.81
CA TYR C 109 -21.08 -16.25 52.38
C TYR C 109 -19.63 -16.62 52.12
N TRP C 110 -19.01 -17.28 53.09
CA TRP C 110 -17.61 -17.67 53.01
C TRP C 110 -17.50 -19.18 53.09
N GLY C 111 -16.63 -19.75 52.27
CA GLY C 111 -16.53 -21.19 52.14
C GLY C 111 -15.45 -21.81 53.00
N GLN C 112 -15.46 -23.14 53.01
CA GLN C 112 -14.48 -23.92 53.75
C GLN C 112 -13.27 -24.16 52.85
N GLY C 113 -12.07 -23.92 53.38
CA GLY C 113 -10.89 -23.84 52.56
C GLY C 113 -10.20 -25.17 52.30
N THR C 114 -9.26 -25.12 51.35
CA THR C 114 -8.37 -26.23 51.02
C THR C 114 -6.94 -25.74 51.06
N GLN C 115 -6.01 -26.65 51.32
CA GLN C 115 -4.62 -26.31 51.58
C GLN C 115 -3.79 -26.41 50.31
N VAL C 116 -3.03 -25.35 50.03
CA VAL C 116 -2.08 -25.32 48.91
C VAL C 116 -0.70 -25.01 49.50
N THR C 117 0.23 -25.94 49.34
CA THR C 117 1.59 -25.77 49.82
C THR C 117 2.56 -25.96 48.66
N VAL C 118 3.55 -25.07 48.58
CA VAL C 118 4.58 -25.13 47.54
C VAL C 118 5.94 -25.04 48.23
N SER C 119 6.75 -26.08 48.06
CA SER C 119 8.09 -26.14 48.66
C SER C 119 8.83 -27.29 47.99
N SER C 120 10.04 -27.55 48.49
CA SER C 120 10.86 -28.65 47.97
C SER C 120 11.20 -29.63 49.09
O1 MES D . -3.65 8.32 17.42
C2 MES D . -3.21 6.99 17.52
C3 MES D . -4.36 6.02 17.59
N4 MES D . -5.25 6.38 18.75
C5 MES D . -5.65 7.81 18.68
C6 MES D . -4.42 8.69 18.53
C7 MES D . -6.39 5.42 18.80
C8 MES D . -7.65 6.00 19.41
S MES D . -8.90 4.69 19.49
O1S MES D . -8.26 3.62 20.28
O2S MES D . -9.15 4.32 18.09
O3S MES D . -10.05 5.31 20.16
C1 GOL E . -19.68 10.66 4.58
O1 GOL E . -19.73 9.91 5.78
C2 GOL E . -19.67 9.73 3.38
O2 GOL E . -19.26 8.44 3.80
C3 GOL E . -18.76 10.27 2.29
O3 GOL E . -19.18 11.56 1.94
C1 GOL F . -19.34 1.90 42.04
O1 GOL F . -20.38 2.41 41.23
C2 GOL F . -18.90 2.97 43.02
O2 GOL F . -17.85 2.45 43.81
C3 GOL F . -18.45 4.23 42.29
O3 GOL F . -17.61 4.95 43.16
C1 GOL G . 6.30 5.07 -4.37
O1 GOL G . 6.87 4.07 -5.17
C2 GOL G . 5.94 4.51 -3.01
O2 GOL G . 5.94 5.56 -2.07
C3 GOL G . 4.59 3.83 -3.04
O3 GOL G . 4.24 3.58 -1.69
C1 GOL H . -5.78 -13.77 31.28
O1 GOL H . -7.08 -13.27 31.49
C2 GOL H . -5.59 -15.05 32.07
O2 GOL H . -4.26 -15.50 31.90
C3 GOL H . -5.90 -14.83 33.54
O3 GOL H . -4.73 -14.33 34.16
C1 GOL I . -18.33 -18.73 31.27
O1 GOL I . -18.97 -19.21 30.12
C2 GOL I . -19.27 -17.79 32.01
O2 GOL I . -18.50 -16.86 32.75
C3 GOL I . -20.20 -17.10 31.02
O3 GOL I . -21.26 -16.53 31.75
#